data_3E7D
#
_entry.id   3E7D
#
_cell.length_a   57.724
_cell.length_b   68.927
_cell.length_c   103.196
_cell.angle_alpha   90.000
_cell.angle_beta   95.880
_cell.angle_gamma   90.000
#
_symmetry.space_group_name_H-M   'P 1 21 1'
#
loop_
_entity.id
_entity.type
_entity.pdbx_description
1 polymer 'CobH, precorrin-8X methylmutase'
2 water water
#
_entity_poly.entity_id   1
_entity_poly.type   'polypeptide(L)'
_entity_poly.pdbx_seq_one_letter_code
;GPGSMTDYIRDGQAIYDRSFAIIRAEADLRHIPADLEKLAVRVIHACGMVDVANDLAFSEGAGKAGRNALLAGAPILCDA
RMVAEGITRSRLPADNRVIYTLSDPSVPELAKKIGNTRSAAALDLWLPHIEGSIVAIGNAPTALFRLFELLDAGAPKPAL
IIGMPVGFVGAAESKDELAANSRGVPYVIVRGRRGGSAMTAAAVNALASERE
;
_entity_poly.pdbx_strand_id   A,B,C,D
#
# COMPACT_ATOMS: atom_id res chain seq x y z
N TYR A 8 -24.58 -13.28 25.70
CA TYR A 8 -23.28 -13.59 25.05
C TYR A 8 -22.84 -15.00 25.34
N ILE A 9 -22.07 -15.55 24.41
CA ILE A 9 -21.60 -16.95 24.49
C ILE A 9 -20.57 -17.11 25.59
N ARG A 10 -20.78 -18.14 26.39
CA ARG A 10 -20.01 -18.35 27.62
C ARG A 10 -19.09 -19.55 27.59
N ASP A 11 -19.02 -20.18 26.43
CA ASP A 11 -18.28 -21.42 26.30
C ASP A 11 -17.11 -21.22 25.39
N GLY A 12 -15.93 -21.40 25.96
CA GLY A 12 -14.67 -21.21 25.25
C GLY A 12 -14.60 -21.97 23.94
N GLN A 13 -14.95 -23.25 23.97
CA GLN A 13 -14.77 -24.08 22.79
C GLN A 13 -15.73 -23.62 21.71
N ALA A 14 -16.88 -23.14 22.16
CA ALA A 14 -17.96 -22.77 21.25
C ALA A 14 -17.61 -21.48 20.53
N ILE A 15 -17.02 -20.57 21.31
CA ILE A 15 -16.56 -19.28 20.78
C ILE A 15 -15.52 -19.54 19.71
N TYR A 16 -14.66 -20.49 20.01
CA TYR A 16 -13.50 -20.82 19.18
C TYR A 16 -14.01 -21.36 17.86
N ASP A 17 -14.90 -22.32 17.99
CA ASP A 17 -15.49 -23.03 16.84
C ASP A 17 -16.33 -22.11 15.96
N ARG A 18 -17.02 -21.19 16.60
CA ARG A 18 -17.93 -20.31 15.89
C ARG A 18 -17.18 -19.30 15.03
N SER A 19 -16.09 -18.78 15.60
CA SER A 19 -15.32 -17.75 14.89
C SER A 19 -14.83 -18.32 13.56
N PHE A 20 -14.38 -19.56 13.58
CA PHE A 20 -13.70 -20.14 12.43
C PHE A 20 -14.74 -20.39 11.34
N ALA A 21 -15.96 -20.57 11.81
CA ALA A 21 -17.09 -20.89 10.94
C ALA A 21 -17.47 -19.65 10.18
N ILE A 22 -17.40 -18.53 10.89
CA ILE A 22 -17.80 -17.23 10.36
C ILE A 22 -16.77 -16.81 9.33
N ILE A 23 -15.52 -17.04 9.70
CA ILE A 23 -14.40 -16.63 8.88
C ILE A 23 -14.51 -17.36 7.55
N ARG A 24 -14.77 -18.66 7.61
CA ARG A 24 -14.79 -19.47 6.39
C ARG A 24 -15.95 -19.02 5.51
N ALA A 25 -17.01 -18.57 6.17
CA ALA A 25 -18.24 -18.18 5.50
C ALA A 25 -18.04 -16.90 4.71
N GLU A 26 -17.31 -15.97 5.32
CA GLU A 26 -17.19 -14.59 4.83
C GLU A 26 -16.00 -14.38 3.92
N ALA A 27 -14.93 -15.09 4.21
CA ALA A 27 -13.67 -14.91 3.47
C ALA A 27 -13.75 -15.49 2.08
N ASP A 28 -13.19 -14.75 1.13
CA ASP A 28 -12.98 -15.27 -0.23
C ASP A 28 -11.63 -15.93 -0.31
N LEU A 29 -11.64 -17.23 -0.15
CA LEU A 29 -10.41 -18.00 -0.09
C LEU A 29 -10.34 -18.89 -1.30
N ARG A 30 -10.96 -18.43 -2.38
CA ARG A 30 -11.08 -19.21 -3.60
C ARG A 30 -9.70 -19.40 -4.22
N HIS A 31 -8.90 -18.35 -4.09
CA HIS A 31 -7.59 -18.26 -4.73
C HIS A 31 -6.47 -18.61 -3.75
N ILE A 32 -6.88 -19.21 -2.63
CA ILE A 32 -5.93 -19.68 -1.64
C ILE A 32 -5.84 -21.19 -1.81
N PRO A 33 -4.64 -21.72 -2.10
CA PRO A 33 -4.47 -23.17 -2.24
C PRO A 33 -4.69 -23.94 -0.94
N ALA A 34 -5.09 -25.20 -1.12
CA ALA A 34 -5.43 -26.10 -0.02
C ALA A 34 -4.41 -26.09 1.11
N ASP A 35 -3.15 -26.16 0.73
CA ASP A 35 -2.04 -26.28 1.69
C ASP A 35 -1.87 -25.00 2.52
N LEU A 36 -2.59 -23.97 2.13
CA LEU A 36 -2.48 -22.65 2.79
C LEU A 36 -3.79 -22.14 3.41
N GLU A 37 -4.87 -22.89 3.20
CA GLU A 37 -6.19 -22.44 3.65
C GLU A 37 -6.23 -22.21 5.15
N LYS A 38 -5.71 -23.17 5.92
CA LYS A 38 -5.77 -23.05 7.38
C LYS A 38 -4.95 -21.86 7.82
N LEU A 39 -3.85 -21.63 7.15
CA LEU A 39 -2.97 -20.52 7.51
C LEU A 39 -3.74 -19.21 7.30
N ALA A 40 -4.43 -19.12 6.17
CA ALA A 40 -5.17 -17.90 5.82
C ALA A 40 -6.24 -17.65 6.84
N VAL A 41 -6.93 -18.72 7.21
CA VAL A 41 -8.05 -18.63 8.13
C VAL A 41 -7.56 -18.21 9.51
N ARG A 42 -6.36 -18.64 9.87
CA ARG A 42 -5.83 -18.42 11.23
C ARG A 42 -5.27 -17.02 11.36
N VAL A 43 -4.73 -16.54 10.25
CA VAL A 43 -4.20 -15.15 10.17
C VAL A 43 -5.36 -14.14 10.27
N ILE A 44 -6.43 -14.46 9.57
CA ILE A 44 -7.66 -13.64 9.67
C ILE A 44 -8.14 -13.59 11.13
N HIS A 45 -8.08 -14.75 11.78
CA HIS A 45 -8.65 -14.93 13.11
C HIS A 45 -7.86 -14.09 14.08
N ALA A 46 -6.57 -13.95 13.79
CA ALA A 46 -5.65 -13.31 14.71
C ALA A 46 -5.87 -11.82 14.70
N CYS A 47 -6.30 -11.32 13.54
CA CYS A 47 -6.31 -9.86 13.27
C CYS A 47 -7.69 -9.24 13.06
N GLY A 48 -8.67 -10.12 12.87
CA GLY A 48 -10.06 -9.71 12.76
C GLY A 48 -10.42 -9.03 11.45
N MET A 49 -9.61 -9.24 10.44
CA MET A 49 -9.82 -8.68 9.10
C MET A 49 -9.90 -9.72 7.99
N VAL A 50 -11.11 -10.01 7.57
CA VAL A 50 -11.31 -11.00 6.51
C VAL A 50 -10.50 -10.62 5.27
N ASP A 51 -10.39 -9.30 5.03
CA ASP A 51 -9.78 -8.78 3.80
C ASP A 51 -8.26 -8.83 3.85
N VAL A 52 -7.73 -9.42 4.92
CA VAL A 52 -6.28 -9.55 5.00
C VAL A 52 -5.89 -10.66 4.02
N ALA A 53 -6.87 -11.48 3.70
CA ALA A 53 -6.66 -12.58 2.74
C ALA A 53 -6.31 -11.98 1.39
N ASN A 54 -6.72 -10.73 1.21
CA ASN A 54 -6.55 -9.98 -0.06
C ASN A 54 -5.06 -9.75 -0.32
N ASP A 55 -4.34 -9.69 0.78
CA ASP A 55 -2.93 -9.27 0.75
C ASP A 55 -1.98 -10.42 0.99
N LEU A 56 -2.51 -11.62 1.12
CA LEU A 56 -1.65 -12.81 1.24
C LEU A 56 -0.94 -13.07 -0.09
N ALA A 57 0.36 -13.32 0.00
CA ALA A 57 1.14 -13.75 -1.17
C ALA A 57 2.05 -14.90 -0.78
N PHE A 58 2.38 -15.73 -1.77
CA PHE A 58 3.14 -16.94 -1.47
C PHE A 58 3.71 -17.58 -2.69
N SER A 59 4.65 -18.47 -2.43
CA SER A 59 5.17 -19.36 -3.46
C SER A 59 4.31 -20.61 -3.49
N GLU A 60 4.04 -21.12 -4.67
CA GLU A 60 3.21 -22.31 -4.75
C GLU A 60 3.81 -23.35 -3.81
N GLY A 61 2.96 -23.97 -3.01
CA GLY A 61 3.41 -25.09 -2.18
C GLY A 61 4.09 -24.68 -0.89
N ALA A 62 4.13 -23.37 -0.63
CA ALA A 62 4.75 -22.82 0.59
C ALA A 62 4.16 -23.42 1.87
N GLY A 63 2.88 -23.73 1.83
CA GLY A 63 2.21 -24.27 3.01
C GLY A 63 2.72 -25.66 3.31
N LYS A 64 2.91 -26.43 2.25
CA LYS A 64 3.36 -27.83 2.37
C LYS A 64 4.82 -27.84 2.84
N ALA A 65 5.54 -26.83 2.37
CA ALA A 65 6.98 -26.70 2.67
C ALA A 65 7.15 -26.58 4.17
N GLY A 66 6.36 -25.67 4.70
CA GLY A 66 6.38 -25.32 6.12
C GLY A 66 5.89 -26.46 6.99
N ARG A 67 4.79 -27.06 6.57
CA ARG A 67 4.17 -28.11 7.36
C ARG A 67 5.15 -29.25 7.49
N ASN A 68 5.74 -29.63 6.35
CA ASN A 68 6.66 -30.78 6.32
C ASN A 68 7.92 -30.55 7.13
N ALA A 69 8.42 -29.32 7.08
CA ALA A 69 9.62 -28.98 7.82
C ALA A 69 9.34 -29.18 9.30
N LEU A 70 8.19 -28.70 9.74
CA LEU A 70 7.87 -28.74 11.17
C LEU A 70 7.67 -30.19 11.57
N LEU A 71 7.06 -30.96 10.69
CA LEU A 71 6.85 -32.40 10.97
C LEU A 71 8.20 -33.08 11.23
N ALA A 72 9.23 -32.48 10.66
CA ALA A 72 10.54 -33.08 10.53
C ALA A 72 11.47 -32.56 11.60
N GLY A 73 10.90 -31.73 12.46
CA GLY A 73 11.60 -31.23 13.64
C GLY A 73 12.34 -29.93 13.45
N ALA A 74 12.03 -29.23 12.36
CA ALA A 74 12.65 -27.92 12.07
C ALA A 74 12.46 -26.89 13.20
N PRO A 75 13.49 -26.09 13.48
CA PRO A 75 13.28 -25.00 14.43
C PRO A 75 12.58 -23.86 13.77
N ILE A 76 11.98 -23.03 14.61
CA ILE A 76 11.37 -21.77 14.17
C ILE A 76 12.14 -20.59 14.73
N LEU A 77 12.66 -19.78 13.83
CA LEU A 77 13.54 -18.63 14.15
C LEU A 77 12.77 -17.34 14.06
N CYS A 78 12.67 -16.66 15.20
CA CYS A 78 11.79 -15.49 15.37
C CYS A 78 12.54 -14.19 15.61
N ASP A 79 12.10 -13.15 14.93
CA ASP A 79 12.77 -11.83 14.99
C ASP A 79 12.41 -11.08 16.26
N ALA A 80 11.24 -11.41 16.80
CA ALA A 80 10.67 -10.70 17.93
C ALA A 80 10.22 -11.56 19.09
N ARG A 81 10.40 -11.05 20.29
CA ARG A 81 9.92 -11.76 21.45
C ARG A 81 8.49 -12.21 21.36
N MET A 82 7.60 -11.34 20.97
CA MET A 82 6.18 -11.68 20.96
C MET A 82 5.85 -12.72 19.88
N VAL A 83 6.68 -12.83 18.86
CA VAL A 83 6.40 -13.80 17.83
C VAL A 83 6.69 -15.15 18.45
N ALA A 84 7.84 -15.20 19.07
CA ALA A 84 8.34 -16.37 19.79
C ALA A 84 7.40 -16.84 20.88
N GLU A 85 6.85 -15.90 21.63
CA GLU A 85 5.92 -16.24 22.73
C GLU A 85 4.54 -16.60 22.21
N GLY A 86 4.25 -16.16 20.99
CA GLY A 86 2.94 -16.35 20.38
C GLY A 86 2.76 -17.76 19.86
N ILE A 87 3.88 -18.45 19.72
CA ILE A 87 3.85 -19.82 19.22
C ILE A 87 3.37 -20.77 20.31
N THR A 88 2.40 -21.60 19.95
CA THR A 88 1.75 -22.51 20.90
C THR A 88 2.54 -23.81 20.92
N ARG A 89 3.35 -23.97 21.96
CA ARG A 89 4.31 -25.07 21.95
C ARG A 89 3.59 -26.42 21.88
N SER A 90 2.37 -26.48 22.42
CA SER A 90 1.68 -27.77 22.53
C SER A 90 1.19 -28.22 21.17
N ARG A 91 1.15 -27.28 20.24
CA ARG A 91 0.67 -27.55 18.86
C ARG A 91 1.81 -28.15 18.06
N LEU A 92 3.03 -27.94 18.53
CA LEU A 92 4.22 -28.31 17.75
C LEU A 92 4.29 -29.83 17.59
N PRO A 93 4.62 -30.30 16.38
CA PRO A 93 4.48 -31.73 16.16
C PRO A 93 5.71 -32.54 16.53
N ALA A 94 6.85 -31.88 16.69
CA ALA A 94 8.13 -32.58 16.81
C ALA A 94 9.13 -31.87 17.72
N ASP A 95 8.61 -31.40 18.86
CA ASP A 95 9.44 -30.82 19.91
C ASP A 95 10.29 -29.71 19.34
N ASN A 96 9.73 -29.04 18.34
CA ASN A 96 10.46 -27.98 17.61
C ASN A 96 10.98 -26.86 18.50
N ARG A 97 12.23 -26.51 18.30
CA ARG A 97 12.82 -25.40 19.04
C ARG A 97 12.36 -24.07 18.49
N VAL A 98 12.05 -23.16 19.41
CA VAL A 98 11.72 -21.81 19.06
C VAL A 98 12.92 -20.94 19.41
N ILE A 99 13.58 -20.45 18.38
CA ILE A 99 14.83 -19.71 18.56
C ILE A 99 14.61 -18.22 18.45
N TYR A 100 15.08 -17.53 19.49
CA TYR A 100 15.01 -16.07 19.60
C TYR A 100 16.28 -15.53 20.23
N THR A 101 17.02 -14.73 19.47
CA THR A 101 18.42 -14.40 19.79
C THR A 101 18.63 -12.93 20.11
N LEU A 102 17.55 -12.18 20.09
CA LEU A 102 17.62 -10.72 20.23
C LEU A 102 18.17 -10.31 21.60
N SER A 103 17.98 -11.17 22.59
CA SER A 103 18.32 -10.88 23.98
C SER A 103 19.70 -11.37 24.35
N ASP A 104 20.40 -11.93 23.36
CA ASP A 104 21.78 -12.34 23.59
C ASP A 104 22.63 -11.10 23.91
N PRO A 105 23.48 -11.20 24.95
CA PRO A 105 24.24 -10.04 25.47
C PRO A 105 25.24 -9.48 24.47
N SER A 106 25.53 -10.28 23.44
CA SER A 106 26.54 -9.93 22.44
C SER A 106 25.94 -9.04 21.34
N VAL A 107 24.62 -8.97 21.31
CA VAL A 107 23.91 -8.33 20.19
C VAL A 107 24.17 -6.82 19.99
N PRO A 108 24.13 -6.03 21.07
CA PRO A 108 24.37 -4.60 20.88
C PRO A 108 25.75 -4.31 20.24
N GLU A 109 26.72 -5.14 20.54
CA GLU A 109 28.07 -4.94 19.98
C GLU A 109 28.08 -5.36 18.54
N LEU A 110 27.35 -6.43 18.26
CA LEU A 110 27.27 -6.97 16.90
C LEU A 110 26.61 -5.96 15.99
N ALA A 111 25.72 -5.16 16.57
CA ALA A 111 24.92 -4.21 15.81
C ALA A 111 25.79 -3.06 15.38
N LYS A 112 26.58 -2.59 16.33
CA LYS A 112 27.52 -1.48 16.07
C LYS A 112 28.54 -1.95 15.05
N LYS A 113 28.89 -3.22 15.16
CA LYS A 113 29.92 -3.77 14.31
C LYS A 113 29.51 -3.98 12.85
N ILE A 114 28.25 -4.33 12.61
CA ILE A 114 27.80 -4.55 11.23
C ILE A 114 27.06 -3.32 10.75
N GLY A 115 26.85 -2.40 11.69
CA GLY A 115 26.21 -1.11 11.43
C GLY A 115 24.77 -1.22 11.00
N ASN A 116 24.03 -2.07 11.70
CA ASN A 116 22.60 -2.29 11.46
C ASN A 116 21.83 -2.15 12.76
N THR A 117 20.56 -2.54 12.71
CA THR A 117 19.72 -2.58 13.91
C THR A 117 20.06 -3.80 14.73
N ARG A 118 19.61 -3.79 15.98
CA ARG A 118 19.83 -4.93 16.86
C ARG A 118 19.05 -6.13 16.34
N SER A 119 17.86 -5.88 15.80
CA SER A 119 16.99 -7.00 15.36
C SER A 119 17.69 -7.71 14.22
N ALA A 120 18.45 -6.94 13.45
CA ALA A 120 19.13 -7.45 12.26
C ALA A 120 20.40 -8.14 12.69
N ALA A 121 21.11 -7.53 13.62
CA ALA A 121 22.38 -8.11 14.14
C ALA A 121 22.16 -9.49 14.75
N ALA A 122 20.99 -9.66 15.35
CA ALA A 122 20.65 -10.91 16.05
C ALA A 122 20.66 -12.08 15.09
N LEU A 123 20.49 -11.77 13.81
CA LEU A 123 20.45 -12.81 12.76
C LEU A 123 21.77 -13.55 12.60
N ASP A 124 22.86 -12.93 12.99
CA ASP A 124 24.15 -13.62 12.89
C ASP A 124 24.06 -14.88 13.75
N LEU A 125 23.24 -14.78 14.79
CA LEU A 125 23.19 -15.81 15.83
C LEU A 125 22.34 -16.97 15.33
N TRP A 126 21.69 -16.74 14.21
CA TRP A 126 20.73 -17.72 13.67
C TRP A 126 21.47 -18.75 12.84
N LEU A 127 22.66 -18.38 12.44
CA LEU A 127 23.37 -19.11 11.38
C LEU A 127 23.51 -20.63 11.68
N PRO A 128 23.78 -21.00 12.94
CA PRO A 128 23.98 -22.43 13.26
C PRO A 128 22.68 -23.22 13.20
N HIS A 129 21.59 -22.49 13.02
CA HIS A 129 20.25 -23.09 13.13
C HIS A 129 19.37 -22.88 11.90
N ILE A 130 19.86 -22.12 10.94
CA ILE A 130 18.99 -21.59 9.86
C ILE A 130 18.59 -22.66 8.84
N GLU A 131 19.48 -23.60 8.60
CA GLU A 131 19.26 -24.62 7.58
C GLU A 131 18.01 -25.48 7.83
N GLY A 132 17.05 -25.37 6.92
CA GLY A 132 15.84 -26.19 6.94
C GLY A 132 14.82 -25.66 7.92
N SER A 133 15.08 -24.47 8.41
CA SER A 133 14.22 -23.82 9.44
C SER A 133 12.97 -23.16 8.91
N ILE A 134 12.13 -22.78 9.87
CA ILE A 134 11.03 -21.85 9.61
C ILE A 134 11.49 -20.51 10.16
N VAL A 135 11.60 -19.55 9.26
CA VAL A 135 11.90 -18.17 9.64
C VAL A 135 10.57 -17.45 9.79
N ALA A 136 10.43 -16.80 10.93
CA ALA A 136 9.21 -16.05 11.26
C ALA A 136 9.56 -14.62 11.64
N ILE A 137 9.36 -13.74 10.68
CA ILE A 137 9.65 -12.32 10.87
C ILE A 137 8.36 -11.53 10.94
N GLY A 138 8.10 -10.94 12.10
CA GLY A 138 6.78 -10.38 12.39
C GLY A 138 6.84 -8.94 12.79
N ASN A 139 8.05 -8.46 12.98
CA ASN A 139 8.25 -7.18 13.58
C ASN A 139 9.14 -6.26 12.75
N ALA A 140 10.36 -6.72 12.51
CA ALA A 140 11.47 -5.86 12.03
C ALA A 140 11.80 -6.03 10.55
N PRO A 141 11.48 -5.03 9.73
CA PRO A 141 11.85 -5.19 8.33
C PRO A 141 13.36 -5.25 8.11
N THR A 142 14.14 -4.65 9.00
CA THR A 142 15.61 -4.71 8.87
C THR A 142 16.10 -6.14 9.00
N ALA A 143 15.31 -6.96 9.69
CA ALA A 143 15.65 -8.38 9.89
C ALA A 143 15.52 -9.06 8.55
N LEU A 144 14.44 -8.73 7.86
CA LEU A 144 14.14 -9.33 6.55
C LEU A 144 15.16 -8.85 5.54
N PHE A 145 15.45 -7.55 5.57
CA PHE A 145 16.46 -7.00 4.68
C PHE A 145 17.78 -7.70 4.93
N ARG A 146 18.10 -7.90 6.19
CA ARG A 146 19.42 -8.45 6.54
C ARG A 146 19.49 -9.91 6.09
N LEU A 147 18.34 -10.57 6.13
CA LEU A 147 18.23 -11.99 5.79
C LEU A 147 18.65 -12.15 4.33
N PHE A 148 18.34 -11.13 3.51
CA PHE A 148 18.60 -11.23 2.07
C PHE A 148 20.10 -11.23 1.83
N GLU A 149 20.77 -10.46 2.66
CA GLU A 149 22.22 -10.26 2.61
C GLU A 149 22.91 -11.56 2.98
N LEU A 150 22.35 -12.21 3.98
CA LEU A 150 22.88 -13.45 4.54
C LEU A 150 22.72 -14.56 3.52
N LEU A 151 21.57 -14.56 2.85
CA LEU A 151 21.27 -15.58 1.86
C LEU A 151 22.23 -15.43 0.68
N ASP A 152 22.36 -14.19 0.22
CA ASP A 152 23.19 -13.84 -0.95
C ASP A 152 24.65 -14.24 -0.69
N ALA A 153 25.02 -14.23 0.58
CA ALA A 153 26.38 -14.58 1.02
C ALA A 153 26.49 -16.09 1.17
N GLY A 154 25.36 -16.75 0.95
CA GLY A 154 25.36 -18.21 0.85
C GLY A 154 25.04 -18.93 2.12
N ALA A 155 24.24 -18.32 2.99
CA ALA A 155 23.75 -19.00 4.20
C ALA A 155 22.88 -20.18 3.84
N PRO A 156 22.85 -21.21 4.70
CA PRO A 156 21.96 -22.33 4.42
C PRO A 156 20.52 -21.85 4.37
N LYS A 157 19.75 -22.49 3.52
CA LYS A 157 18.40 -22.00 3.24
C LYS A 157 17.36 -22.56 4.19
N PRO A 158 16.50 -21.67 4.72
CA PRO A 158 15.32 -22.12 5.44
C PRO A 158 14.43 -22.95 4.55
N ALA A 159 13.50 -23.63 5.21
CA ALA A 159 12.48 -24.42 4.52
C ALA A 159 11.38 -23.50 4.04
N LEU A 160 11.20 -22.43 4.82
CA LEU A 160 10.14 -21.45 4.59
C LEU A 160 10.45 -20.16 5.32
N ILE A 161 10.21 -19.07 4.62
CA ILE A 161 10.24 -17.75 5.22
C ILE A 161 8.83 -17.18 5.32
N ILE A 162 8.41 -16.93 6.55
CA ILE A 162 7.16 -16.24 6.79
C ILE A 162 7.51 -14.78 7.05
N GLY A 163 7.18 -13.92 6.10
CA GLY A 163 7.53 -12.51 6.19
C GLY A 163 6.33 -11.60 6.35
N MET A 164 6.11 -11.18 7.59
CA MET A 164 4.95 -10.37 7.95
C MET A 164 5.26 -9.19 8.88
N PRO A 165 6.40 -8.53 8.66
CA PRO A 165 6.62 -7.32 9.45
C PRO A 165 5.62 -6.23 9.15
N VAL A 166 5.39 -5.42 10.18
CA VAL A 166 4.36 -4.41 10.19
C VAL A 166 5.03 -3.07 10.15
N GLY A 167 4.30 -2.08 9.66
CA GLY A 167 4.76 -0.69 9.78
C GLY A 167 4.85 0.18 8.55
N PHE A 168 5.51 1.30 8.79
CA PHE A 168 5.47 2.44 7.88
C PHE A 168 6.82 2.70 7.23
N VAL A 169 7.82 1.97 7.69
CA VAL A 169 9.20 2.12 7.19
C VAL A 169 9.84 0.79 6.85
N GLY A 170 9.89 0.50 5.55
CA GLY A 170 10.56 -0.69 5.05
C GLY A 170 9.73 -1.96 5.08
N ALA A 171 8.61 -1.94 5.77
CA ALA A 171 7.82 -3.20 5.96
C ALA A 171 7.28 -3.70 4.63
N ALA A 172 6.57 -2.80 3.98
CA ALA A 172 5.98 -3.06 2.68
C ALA A 172 7.06 -3.45 1.68
N GLU A 173 8.13 -2.69 1.69
CA GLU A 173 9.23 -2.88 0.71
C GLU A 173 9.94 -4.21 0.90
N SER A 174 10.17 -4.53 2.16
CA SER A 174 10.96 -5.72 2.52
C SER A 174 10.21 -6.99 2.16
N LYS A 175 8.89 -6.92 2.28
CA LYS A 175 8.03 -8.06 1.99
C LYS A 175 7.93 -8.24 0.47
N ASP A 176 7.87 -7.13 -0.24
CA ASP A 176 7.72 -7.19 -1.71
C ASP A 176 9.00 -7.73 -2.31
N GLU A 177 10.14 -7.31 -1.76
CA GLU A 177 11.42 -7.85 -2.20
C GLU A 177 11.50 -9.37 -2.02
N LEU A 178 11.05 -9.86 -0.87
CA LEU A 178 11.06 -11.31 -0.61
C LEU A 178 10.30 -12.06 -1.70
N ALA A 179 9.13 -11.53 -2.07
CA ALA A 179 8.27 -12.20 -3.07
C ALA A 179 8.93 -12.21 -4.44
N ALA A 180 9.66 -11.14 -4.73
CA ALA A 180 10.24 -10.88 -6.05
C ALA A 180 11.54 -11.66 -6.21
N ASN A 181 12.20 -11.85 -5.09
CA ASN A 181 13.41 -12.67 -5.06
C ASN A 181 13.66 -13.31 -3.70
N SER A 182 13.14 -14.52 -3.54
CA SER A 182 13.21 -15.28 -2.28
C SER A 182 14.47 -16.14 -2.21
N ARG A 183 15.34 -15.94 -3.17
CA ARG A 183 16.65 -16.62 -3.17
C ARG A 183 16.49 -18.13 -3.15
N GLY A 184 15.39 -18.58 -3.74
CA GLY A 184 15.13 -20.01 -3.95
C GLY A 184 14.33 -20.61 -2.80
N VAL A 185 14.00 -19.77 -1.83
CA VAL A 185 13.32 -20.21 -0.61
C VAL A 185 11.81 -19.99 -0.66
N PRO A 186 11.02 -20.98 -0.24
CA PRO A 186 9.58 -20.75 -0.20
C PRO A 186 9.22 -19.60 0.74
N TYR A 187 8.14 -18.90 0.43
CA TYR A 187 7.67 -17.77 1.28
C TYR A 187 6.16 -17.63 1.38
N VAL A 188 5.76 -17.01 2.49
CA VAL A 188 4.42 -16.45 2.66
C VAL A 188 4.56 -15.07 3.29
N ILE A 189 3.84 -14.11 2.72
CA ILE A 189 3.82 -12.73 3.24
C ILE A 189 2.40 -12.21 3.31
N VAL A 190 2.27 -11.13 4.07
CA VAL A 190 1.12 -10.26 4.00
C VAL A 190 1.59 -8.96 3.40
N ARG A 191 1.14 -8.63 2.20
CA ARG A 191 1.60 -7.41 1.54
C ARG A 191 1.08 -6.19 2.25
N GLY A 192 1.84 -5.11 2.10
CA GLY A 192 1.43 -3.80 2.60
C GLY A 192 2.05 -3.45 3.95
N ARG A 193 1.32 -2.65 4.69
CA ARG A 193 1.77 -2.15 5.99
C ARG A 193 1.32 -3.04 7.14
N ARG A 194 0.35 -3.89 6.88
CA ARG A 194 -0.17 -4.76 7.92
C ARG A 194 0.78 -5.89 8.19
N GLY A 195 0.53 -6.53 9.31
CA GLY A 195 1.34 -7.66 9.81
C GLY A 195 1.38 -7.64 11.32
N GLY A 196 2.53 -8.08 11.85
CA GLY A 196 2.78 -8.06 13.29
C GLY A 196 2.96 -9.44 13.91
N SER A 197 3.18 -9.45 15.22
CA SER A 197 3.55 -10.68 15.93
C SER A 197 2.40 -11.70 15.95
N ALA A 198 1.18 -11.21 16.12
CA ALA A 198 0.01 -12.08 16.23
C ALA A 198 -0.24 -12.84 14.92
N MET A 199 -0.11 -12.15 13.81
CA MET A 199 -0.37 -12.75 12.49
C MET A 199 0.67 -13.80 12.17
N THR A 200 1.89 -13.49 12.55
CA THR A 200 3.05 -14.32 12.21
C THR A 200 2.98 -15.60 13.01
N ALA A 201 2.69 -15.43 14.28
CA ALA A 201 2.60 -16.56 15.18
C ALA A 201 1.45 -17.45 14.71
N ALA A 202 0.45 -16.78 14.16
CA ALA A 202 -0.77 -17.46 13.71
C ALA A 202 -0.44 -18.37 12.53
N ALA A 203 0.45 -17.87 11.70
CA ALA A 203 0.88 -18.60 10.48
C ALA A 203 1.63 -19.87 10.87
N VAL A 204 2.51 -19.74 11.85
CA VAL A 204 3.31 -20.87 12.33
C VAL A 204 2.35 -21.89 12.93
N ASN A 205 1.50 -21.39 13.81
CA ASN A 205 0.57 -22.24 14.54
C ASN A 205 -0.31 -23.05 13.60
N ALA A 206 -0.67 -22.44 12.48
CA ALA A 206 -1.53 -23.07 11.47
C ALA A 206 -0.85 -24.27 10.83
N LEU A 207 0.45 -24.12 10.62
CA LEU A 207 1.27 -25.09 9.87
C LEU A 207 1.74 -26.23 10.75
N ALA A 208 1.67 -26.01 12.06
CA ALA A 208 2.26 -26.93 13.04
C ALA A 208 1.34 -28.11 13.27
N SER A 209 0.07 -27.83 13.09
CA SER A 209 -0.98 -28.76 13.49
C SER A 209 -2.11 -28.74 12.45
N TYR B 8 18.31 0.71 2.71
CA TYR B 8 17.29 0.88 3.77
C TYR B 8 17.92 1.53 4.98
N ILE B 9 17.05 2.10 5.81
CA ILE B 9 17.47 2.72 7.08
C ILE B 9 17.89 1.62 8.04
N ARG B 10 19.09 1.82 8.57
CA ARG B 10 19.80 0.81 9.38
C ARG B 10 19.95 1.33 10.78
N ASP B 11 19.32 2.46 11.00
CA ASP B 11 19.35 3.12 12.29
C ASP B 11 18.00 3.00 13.00
N GLY B 12 18.01 2.32 14.15
CA GLY B 12 16.78 1.95 14.85
C GLY B 12 16.01 3.16 15.34
N GLN B 13 16.75 4.20 15.68
CA GLN B 13 16.14 5.39 16.26
C GLN B 13 15.57 6.20 15.12
N ALA B 14 16.30 6.20 14.03
CA ALA B 14 15.92 6.97 12.84
C ALA B 14 14.63 6.39 12.29
N ILE B 15 14.54 5.07 12.35
CA ILE B 15 13.37 4.36 11.80
C ILE B 15 12.15 4.69 12.63
N TYR B 16 12.38 4.60 13.92
CA TYR B 16 11.39 4.95 14.92
C TYR B 16 10.79 6.33 14.67
N ASP B 17 11.67 7.32 14.68
CA ASP B 17 11.27 8.72 14.55
C ASP B 17 10.49 8.94 13.26
N ARG B 18 10.97 8.30 12.21
CA ARG B 18 10.38 8.48 10.89
C ARG B 18 8.95 8.00 10.80
N SER B 19 8.69 6.86 11.40
CA SER B 19 7.38 6.23 11.24
C SER B 19 6.33 7.10 11.89
N PHE B 20 6.68 7.67 13.04
CA PHE B 20 5.73 8.50 13.76
C PHE B 20 5.41 9.75 12.95
N ALA B 21 6.41 10.23 12.22
CA ALA B 21 6.23 11.42 11.36
C ALA B 21 5.27 11.11 10.23
N ILE B 22 5.57 10.03 9.55
CA ILE B 22 4.74 9.60 8.43
C ILE B 22 3.32 9.39 8.90
N ILE B 23 3.14 8.85 10.11
CA ILE B 23 1.79 8.61 10.63
C ILE B 23 1.07 9.96 10.80
N ARG B 24 1.78 10.94 11.34
CA ARG B 24 1.17 12.24 11.61
C ARG B 24 0.82 12.94 10.30
N ALA B 25 1.58 12.62 9.27
CA ALA B 25 1.42 13.27 7.96
C ALA B 25 0.17 12.74 7.26
N GLU B 26 -0.17 11.49 7.58
CA GLU B 26 -1.15 10.74 6.80
C GLU B 26 -2.48 10.53 7.50
N ALA B 27 -2.43 10.41 8.80
CA ALA B 27 -3.61 10.08 9.62
C ALA B 27 -4.51 11.29 9.81
N ASP B 28 -5.82 11.02 9.83
CA ASP B 28 -6.82 12.03 10.16
C ASP B 28 -7.08 12.04 11.65
N LEU B 29 -6.41 12.96 12.32
CA LEU B 29 -6.43 12.98 13.78
C LEU B 29 -7.21 14.17 14.28
N ARG B 30 -8.06 14.71 13.43
CA ARG B 30 -8.77 15.94 13.73
C ARG B 30 -9.69 15.81 14.92
N HIS B 31 -10.28 14.63 15.07
CA HIS B 31 -11.32 14.40 16.09
C HIS B 31 -10.73 13.74 17.33
N ILE B 32 -9.41 13.69 17.38
CA ILE B 32 -8.71 13.11 18.53
C ILE B 32 -8.24 14.22 19.45
N PRO B 33 -8.74 14.25 20.70
CA PRO B 33 -8.27 15.28 21.61
C PRO B 33 -6.82 15.09 22.02
N ALA B 34 -6.25 16.18 22.47
CA ALA B 34 -4.84 16.27 22.76
C ALA B 34 -4.37 15.18 23.71
N ASP B 35 -5.23 14.81 24.66
CA ASP B 35 -4.86 13.84 25.71
C ASP B 35 -4.86 12.42 25.16
N LEU B 36 -5.29 12.29 23.93
CA LEU B 36 -5.31 10.97 23.29
C LEU B 36 -4.50 10.89 21.98
N GLU B 37 -3.84 11.98 21.63
CA GLU B 37 -3.12 12.06 20.34
C GLU B 37 -1.97 11.06 20.30
N LYS B 38 -1.25 10.92 21.39
CA LYS B 38 -0.11 9.98 21.39
C LYS B 38 -0.62 8.55 21.33
N LEU B 39 -1.73 8.30 22.03
CA LEU B 39 -2.35 6.98 22.07
C LEU B 39 -2.73 6.58 20.66
N ALA B 40 -3.38 7.51 19.94
CA ALA B 40 -3.86 7.23 18.59
C ALA B 40 -2.70 6.90 17.69
N VAL B 41 -1.65 7.70 17.78
CA VAL B 41 -0.49 7.53 16.89
C VAL B 41 0.18 6.21 17.18
N ARG B 42 0.21 5.87 18.47
CA ARG B 42 0.91 4.68 18.91
C ARG B 42 0.15 3.42 18.54
N VAL B 43 -1.17 3.51 18.53
CA VAL B 43 -2.02 2.33 18.22
C VAL B 43 -1.91 2.06 16.71
N ILE B 44 -1.83 3.15 15.96
CA ILE B 44 -1.70 3.09 14.51
C ILE B 44 -0.33 2.50 14.19
N HIS B 45 0.67 2.95 14.92
CA HIS B 45 2.03 2.43 14.77
C HIS B 45 2.03 0.91 14.93
N ALA B 46 1.24 0.45 15.88
CA ALA B 46 1.27 -0.98 16.27
C ALA B 46 0.73 -1.87 15.17
N CYS B 47 -0.21 -1.32 14.41
CA CYS B 47 -1.05 -2.14 13.50
C CYS B 47 -0.88 -1.85 12.02
N GLY B 48 -0.27 -0.72 11.70
CA GLY B 48 0.05 -0.37 10.33
C GLY B 48 -1.11 0.26 9.57
N MET B 49 -2.17 0.59 10.29
CA MET B 49 -3.41 1.10 9.66
C MET B 49 -3.81 2.49 10.13
N VAL B 50 -3.58 3.50 9.30
CA VAL B 50 -3.89 4.88 9.71
C VAL B 50 -5.39 5.09 9.93
N ASP B 51 -6.19 4.25 9.28
CA ASP B 51 -7.66 4.42 9.29
C ASP B 51 -8.26 3.90 10.58
N VAL B 52 -7.39 3.42 11.46
CA VAL B 52 -7.84 2.82 12.72
C VAL B 52 -8.32 3.98 13.59
N ALA B 53 -7.80 5.15 13.29
CA ALA B 53 -8.15 6.34 14.06
C ALA B 53 -9.63 6.66 13.84
N ASN B 54 -10.14 6.21 12.72
CA ASN B 54 -11.54 6.46 12.37
C ASN B 54 -12.44 5.71 13.33
N ASP B 55 -11.85 4.68 13.93
CA ASP B 55 -12.61 3.68 14.69
C ASP B 55 -12.37 3.79 16.18
N LEU B 56 -11.58 4.79 16.53
CA LEU B 56 -11.31 5.10 17.94
C LEU B 56 -12.53 5.78 18.52
N ALA B 57 -12.90 5.33 19.70
CA ALA B 57 -13.99 5.98 20.44
C ALA B 57 -13.59 6.03 21.88
N PHE B 58 -14.07 7.06 22.56
CA PHE B 58 -13.58 7.30 23.91
C PHE B 58 -14.46 8.25 24.66
N SER B 59 -14.32 8.19 25.98
CA SER B 59 -14.98 9.14 26.86
C SER B 59 -14.13 10.38 26.88
N GLU B 60 -14.75 11.49 27.22
CA GLU B 60 -14.00 12.74 27.41
C GLU B 60 -12.97 12.66 28.52
N GLY B 61 -11.72 12.87 28.14
CA GLY B 61 -10.60 12.96 29.09
C GLY B 61 -10.08 11.60 29.47
N ALA B 62 -10.40 10.62 28.64
CA ALA B 62 -10.04 9.23 28.91
C ALA B 62 -8.52 9.07 28.94
N GLY B 63 -7.87 9.87 28.13
CA GLY B 63 -6.42 9.79 27.97
C GLY B 63 -5.73 10.26 29.23
N LYS B 64 -6.18 11.39 29.76
CA LYS B 64 -5.57 11.91 30.97
C LYS B 64 -5.96 11.08 32.18
N ALA B 65 -7.13 10.48 32.15
CA ALA B 65 -7.55 9.59 33.24
C ALA B 65 -6.49 8.51 33.40
N GLY B 66 -6.08 7.96 32.27
CA GLY B 66 -5.14 6.84 32.24
C GLY B 66 -3.74 7.30 32.59
N ARG B 67 -3.38 8.45 32.07
CA ARG B 67 -2.02 8.98 32.23
C ARG B 67 -1.83 9.32 33.70
N ASN B 68 -2.86 9.94 34.26
CA ASN B 68 -2.83 10.35 35.67
C ASN B 68 -2.72 9.15 36.59
N ALA B 69 -3.43 8.08 36.25
CA ALA B 69 -3.47 6.89 37.10
C ALA B 69 -2.11 6.20 37.11
N LEU B 70 -1.52 6.11 35.93
CA LEU B 70 -0.21 5.47 35.79
C LEU B 70 0.82 6.27 36.59
N LEU B 71 0.71 7.58 36.51
CA LEU B 71 1.61 8.46 37.27
C LEU B 71 1.51 8.18 38.77
N ALA B 72 0.31 7.80 39.19
CA ALA B 72 -0.05 7.60 40.61
C ALA B 72 0.37 6.22 41.08
N GLY B 73 0.86 5.44 40.14
CA GLY B 73 1.36 4.09 40.41
C GLY B 73 0.33 3.01 40.24
N ALA B 74 -0.75 3.36 39.54
CA ALA B 74 -1.83 2.40 39.24
C ALA B 74 -1.29 1.12 38.59
N PRO B 75 -1.87 -0.04 38.97
CA PRO B 75 -1.53 -1.27 38.27
C PRO B 75 -2.28 -1.41 36.95
N ILE B 76 -1.73 -2.25 36.09
CA ILE B 76 -2.36 -2.58 34.80
C ILE B 76 -2.79 -4.04 34.81
N LEU B 77 -4.11 -4.22 34.73
CA LEU B 77 -4.76 -5.54 34.77
C LEU B 77 -5.03 -5.98 33.34
N CYS B 78 -4.49 -7.14 33.00
CA CYS B 78 -4.44 -7.64 31.62
C CYS B 78 -5.16 -8.97 31.46
N ASP B 79 -6.01 -9.03 30.44
CA ASP B 79 -6.87 -10.20 30.18
C ASP B 79 -6.07 -11.35 29.58
N ALA B 80 -4.92 -10.98 29.02
CA ALA B 80 -4.12 -11.91 28.22
C ALA B 80 -2.64 -11.74 28.43
N ARG B 81 -1.95 -12.88 28.42
CA ARG B 81 -0.50 -12.91 28.67
C ARG B 81 0.25 -12.00 27.72
N MET B 82 -0.21 -11.96 26.47
CA MET B 82 0.48 -11.23 25.41
C MET B 82 0.30 -9.72 25.59
N VAL B 83 -0.82 -9.33 26.18
CA VAL B 83 -1.04 -7.90 26.50
C VAL B 83 0.01 -7.50 27.53
N ALA B 84 0.12 -8.33 28.56
CA ALA B 84 1.02 -8.05 29.68
C ALA B 84 2.44 -7.91 29.19
N GLU B 85 2.78 -8.87 28.36
CA GLU B 85 4.15 -9.00 27.85
C GLU B 85 4.53 -7.83 26.99
N GLY B 86 3.51 -7.20 26.41
CA GLY B 86 3.71 -6.13 25.43
C GLY B 86 3.90 -4.76 26.05
N ILE B 87 3.70 -4.70 27.36
CA ILE B 87 3.83 -3.42 28.09
C ILE B 87 5.30 -3.21 28.36
N THR B 88 5.82 -2.08 27.92
CA THR B 88 7.26 -1.76 28.04
C THR B 88 7.58 -1.27 29.45
N ARG B 89 8.28 -2.10 30.19
CA ARG B 89 8.47 -1.85 31.62
C ARG B 89 9.23 -0.56 31.83
N SER B 90 10.09 -0.24 30.88
CA SER B 90 11.02 0.90 31.02
C SER B 90 10.26 2.21 30.88
N ARG B 91 9.02 2.10 30.43
CA ARG B 91 8.20 3.27 30.09
C ARG B 91 7.30 3.64 31.26
N LEU B 92 7.20 2.71 32.21
CA LEU B 92 6.27 2.82 33.34
C LEU B 92 6.80 3.84 34.34
N PRO B 93 5.97 4.85 34.69
CA PRO B 93 6.53 6.01 35.39
C PRO B 93 6.66 5.84 36.90
N ALA B 94 6.08 4.77 37.43
CA ALA B 94 5.90 4.67 38.88
C ALA B 94 5.92 3.25 39.42
N ASP B 95 6.75 2.40 38.81
CA ASP B 95 7.00 1.06 39.34
C ASP B 95 5.67 0.30 39.31
N ASN B 96 4.93 0.58 38.26
CA ASN B 96 3.57 0.06 38.08
C ASN B 96 3.54 -1.46 37.92
N ARG B 97 2.67 -2.11 38.66
CA ARG B 97 2.49 -3.58 38.54
C ARG B 97 1.69 -3.94 37.33
N VAL B 98 2.22 -4.89 36.56
CA VAL B 98 1.47 -5.52 35.48
C VAL B 98 0.90 -6.83 36.00
N ILE B 99 -0.42 -6.88 36.10
CA ILE B 99 -1.15 -7.99 36.70
C ILE B 99 -1.86 -8.85 35.66
N TYR B 100 -1.70 -10.15 35.83
CA TYR B 100 -2.25 -11.17 34.94
C TYR B 100 -2.60 -12.42 35.75
N THR B 101 -3.86 -12.80 35.73
CA THR B 101 -4.35 -13.83 36.65
C THR B 101 -4.83 -15.09 35.98
N LEU B 102 -4.89 -15.05 34.66
CA LEU B 102 -5.48 -16.15 33.91
C LEU B 102 -4.85 -17.49 34.24
N SER B 103 -3.58 -17.48 34.61
CA SER B 103 -2.85 -18.74 34.85
C SER B 103 -2.85 -19.18 36.30
N ASP B 104 -3.68 -18.54 37.10
CA ASP B 104 -3.85 -18.95 38.48
C ASP B 104 -4.50 -20.33 38.49
N PRO B 105 -4.03 -21.23 39.37
CA PRO B 105 -4.48 -22.62 39.36
C PRO B 105 -5.96 -22.76 39.74
N SER B 106 -6.50 -21.73 40.37
CA SER B 106 -7.88 -21.78 40.85
C SER B 106 -8.85 -21.39 39.76
N VAL B 107 -8.31 -20.85 38.67
CA VAL B 107 -9.15 -20.27 37.60
C VAL B 107 -10.05 -21.30 36.91
N PRO B 108 -9.52 -22.48 36.59
CA PRO B 108 -10.36 -23.40 35.83
C PRO B 108 -11.64 -23.83 36.54
N GLU B 109 -11.53 -24.02 37.86
CA GLU B 109 -12.66 -24.46 38.69
C GLU B 109 -13.67 -23.32 38.83
N LEU B 110 -13.12 -22.13 38.96
CA LEU B 110 -13.94 -20.90 39.01
C LEU B 110 -14.81 -20.84 37.78
N ALA B 111 -14.15 -20.85 36.65
CA ALA B 111 -14.85 -20.75 35.37
C ALA B 111 -16.06 -21.67 35.37
N LYS B 112 -15.88 -22.88 35.89
CA LYS B 112 -16.94 -23.90 35.84
C LYS B 112 -18.08 -23.51 36.75
N LYS B 113 -17.72 -22.98 37.90
CA LYS B 113 -18.68 -22.71 38.93
C LYS B 113 -19.52 -21.49 38.59
N ILE B 114 -18.86 -20.46 38.05
CA ILE B 114 -19.59 -19.24 37.65
C ILE B 114 -20.26 -19.33 36.28
N GLY B 115 -20.03 -20.44 35.58
CA GLY B 115 -20.63 -20.64 34.27
C GLY B 115 -20.13 -19.67 33.21
N ASN B 116 -18.81 -19.48 33.17
CA ASN B 116 -18.22 -18.61 32.15
C ASN B 116 -16.91 -19.16 31.61
N THR B 117 -16.24 -18.30 30.86
CA THR B 117 -14.93 -18.65 30.29
C THR B 117 -13.85 -18.51 31.35
N ARG B 118 -12.67 -19.02 31.03
CA ARG B 118 -11.56 -18.95 31.97
C ARG B 118 -11.13 -17.50 32.05
N SER B 119 -11.22 -16.84 30.92
CA SER B 119 -10.77 -15.43 30.77
C SER B 119 -11.63 -14.55 31.65
N ALA B 120 -12.91 -14.90 31.70
CA ALA B 120 -13.90 -14.12 32.44
C ALA B 120 -13.75 -14.39 33.93
N ALA B 121 -13.51 -15.65 34.24
CA ALA B 121 -13.45 -16.08 35.64
C ALA B 121 -12.25 -15.45 36.34
N ALA B 122 -11.21 -15.17 35.57
CA ALA B 122 -9.94 -14.68 36.12
C ALA B 122 -10.09 -13.29 36.77
N LEU B 123 -11.14 -12.62 36.37
CA LEU B 123 -11.36 -11.22 36.78
C LEU B 123 -11.67 -11.15 38.27
N ASP B 124 -12.06 -12.30 38.79
CA ASP B 124 -12.46 -12.40 40.19
C ASP B 124 -11.23 -12.09 41.02
N LEU B 125 -10.08 -12.39 40.44
CA LEU B 125 -8.78 -12.28 41.12
C LEU B 125 -8.24 -10.86 40.99
N TRP B 126 -8.94 -10.06 40.20
CA TRP B 126 -8.54 -8.67 39.93
C TRP B 126 -9.02 -7.78 41.07
N LEU B 127 -10.00 -8.31 41.77
CA LEU B 127 -10.83 -7.52 42.69
C LEU B 127 -10.00 -6.74 43.71
N PRO B 128 -8.95 -7.37 44.26
CA PRO B 128 -8.14 -6.66 45.24
C PRO B 128 -7.31 -5.53 44.62
N HIS B 129 -7.31 -5.48 43.30
CA HIS B 129 -6.39 -4.61 42.57
C HIS B 129 -7.08 -3.59 41.66
N ILE B 130 -8.39 -3.76 41.48
CA ILE B 130 -9.11 -3.08 40.41
C ILE B 130 -9.32 -1.59 40.65
N GLU B 131 -9.39 -1.19 41.92
CA GLU B 131 -9.64 0.22 42.20
C GLU B 131 -8.54 1.12 41.67
N GLY B 132 -8.89 2.02 40.77
CA GLY B 132 -7.96 3.03 40.24
C GLY B 132 -7.02 2.48 39.18
N SER B 133 -7.25 1.23 38.84
CA SER B 133 -6.46 0.52 37.82
C SER B 133 -6.65 0.96 36.39
N ILE B 134 -5.73 0.50 35.58
CA ILE B 134 -5.88 0.50 34.15
C ILE B 134 -6.28 -0.92 33.76
N VAL B 135 -7.45 -1.08 33.18
CA VAL B 135 -7.86 -2.37 32.65
C VAL B 135 -7.51 -2.38 31.18
N ALA B 136 -6.77 -3.40 30.80
CA ALA B 136 -6.30 -3.58 29.43
C ALA B 136 -6.79 -4.93 28.91
N ILE B 137 -7.81 -4.84 28.05
CA ILE B 137 -8.45 -6.03 27.47
C ILE B 137 -8.21 -6.04 25.97
N GLY B 138 -7.40 -7.01 25.55
CA GLY B 138 -6.96 -7.13 24.17
C GLY B 138 -7.44 -8.36 23.43
N ASN B 139 -7.94 -9.33 24.18
CA ASN B 139 -8.22 -10.65 23.59
C ASN B 139 -9.60 -11.25 23.81
N ALA B 140 -10.19 -11.03 24.99
CA ALA B 140 -11.38 -11.79 25.40
C ALA B 140 -12.65 -10.95 25.58
N PRO B 141 -13.55 -10.99 24.58
CA PRO B 141 -14.82 -10.28 24.80
C PRO B 141 -15.49 -10.65 26.11
N THR B 142 -15.46 -11.92 26.49
CA THR B 142 -16.11 -12.36 27.70
C THR B 142 -15.53 -11.75 28.97
N ALA B 143 -14.30 -11.34 28.93
CA ALA B 143 -13.73 -10.54 30.00
C ALA B 143 -14.38 -9.13 30.08
N LEU B 144 -14.59 -8.50 28.95
CA LEU B 144 -15.23 -7.23 28.98
C LEU B 144 -16.65 -7.40 29.49
N PHE B 145 -17.39 -8.31 28.87
CA PHE B 145 -18.76 -8.65 29.32
C PHE B 145 -18.85 -8.89 30.83
N ARG B 146 -17.96 -9.70 31.37
CA ARG B 146 -17.93 -9.97 32.79
C ARG B 146 -17.68 -8.73 33.60
N LEU B 147 -16.69 -7.99 33.20
CA LEU B 147 -16.41 -6.73 33.85
C LEU B 147 -17.63 -5.88 34.07
N PHE B 148 -18.48 -5.82 33.06
CA PHE B 148 -19.75 -5.07 33.13
C PHE B 148 -20.58 -5.56 34.33
N GLU B 149 -20.64 -6.88 34.49
CA GLU B 149 -21.39 -7.49 35.58
C GLU B 149 -20.82 -7.09 36.93
N LEU B 150 -19.49 -7.18 37.04
CA LEU B 150 -18.81 -6.84 38.30
C LEU B 150 -18.99 -5.38 38.67
N LEU B 151 -19.02 -4.52 37.67
CA LEU B 151 -19.19 -3.12 37.96
C LEU B 151 -20.62 -2.82 38.38
N ASP B 152 -21.55 -3.47 37.71
CA ASP B 152 -22.98 -3.31 38.02
C ASP B 152 -23.24 -3.72 39.47
N ALA B 153 -22.42 -4.66 39.93
CA ALA B 153 -22.58 -5.32 41.23
C ALA B 153 -21.90 -4.54 42.33
N GLY B 154 -21.20 -3.48 41.96
CA GLY B 154 -20.58 -2.59 42.94
C GLY B 154 -19.07 -2.73 43.07
N ALA B 155 -18.46 -3.44 42.13
CA ALA B 155 -17.00 -3.56 42.12
C ALA B 155 -16.36 -2.18 42.09
N PRO B 156 -15.20 -2.02 42.75
CA PRO B 156 -14.46 -0.77 42.63
C PRO B 156 -14.12 -0.41 41.19
N LYS B 157 -14.10 0.88 40.90
CA LYS B 157 -13.92 1.32 39.53
C LYS B 157 -12.45 1.50 39.14
N PRO B 158 -12.05 0.92 37.99
CA PRO B 158 -10.78 1.27 37.38
C PRO B 158 -10.74 2.75 37.05
N ALA B 159 -9.54 3.27 36.82
CA ALA B 159 -9.34 4.68 36.36
C ALA B 159 -9.64 4.81 34.89
N LEU B 160 -9.50 3.68 34.20
CA LEU B 160 -9.64 3.61 32.74
C LEU B 160 -9.78 2.16 32.27
N ILE B 161 -10.64 1.98 31.28
CA ILE B 161 -10.77 0.68 30.63
C ILE B 161 -10.39 0.79 29.17
N ILE B 162 -9.37 0.03 28.80
CA ILE B 162 -8.93 -0.08 27.40
C ILE B 162 -9.52 -1.35 26.83
N GLY B 163 -10.59 -1.19 26.07
CA GLY B 163 -11.33 -2.32 25.51
C GLY B 163 -11.07 -2.48 24.03
N MET B 164 -10.09 -3.31 23.73
CA MET B 164 -9.70 -3.55 22.35
C MET B 164 -9.63 -5.03 22.00
N PRO B 165 -10.64 -5.80 22.36
CA PRO B 165 -10.60 -7.19 21.95
C PRO B 165 -10.84 -7.32 20.48
N VAL B 166 -10.19 -8.33 19.91
CA VAL B 166 -10.23 -8.57 18.48
C VAL B 166 -11.12 -9.76 18.20
N GLY B 167 -11.69 -9.77 16.99
CA GLY B 167 -12.33 -10.99 16.47
C GLY B 167 -13.78 -10.93 16.08
N PHE B 168 -14.38 -12.11 16.01
CA PHE B 168 -15.60 -12.36 15.24
C PHE B 168 -16.78 -12.80 16.10
N VAL B 169 -16.49 -13.05 17.36
CA VAL B 169 -17.52 -13.48 18.28
C VAL B 169 -17.49 -12.66 19.56
N GLY B 170 -18.36 -11.68 19.62
CA GLY B 170 -18.56 -10.87 20.81
C GLY B 170 -17.69 -9.66 20.90
N ALA B 171 -16.68 -9.58 20.03
CA ALA B 171 -15.67 -8.53 20.15
C ALA B 171 -16.28 -7.17 19.90
N ALA B 172 -16.85 -7.03 18.71
CA ALA B 172 -17.44 -5.75 18.34
C ALA B 172 -18.50 -5.37 19.35
N GLU B 173 -19.27 -6.38 19.75
CA GLU B 173 -20.46 -6.18 20.59
C GLU B 173 -20.08 -5.70 21.97
N SER B 174 -19.01 -6.28 22.49
CA SER B 174 -18.56 -6.01 23.86
C SER B 174 -18.06 -4.56 23.92
N LYS B 175 -17.43 -4.15 22.83
CA LYS B 175 -16.82 -2.81 22.75
C LYS B 175 -17.92 -1.77 22.63
N ASP B 176 -18.93 -2.08 21.83
CA ASP B 176 -20.05 -1.14 21.63
C ASP B 176 -20.80 -0.89 22.95
N GLU B 177 -20.85 -1.93 23.76
CA GLU B 177 -21.59 -1.92 25.03
C GLU B 177 -20.83 -1.05 26.01
N LEU B 178 -19.52 -1.13 25.92
CA LEU B 178 -18.62 -0.40 26.83
C LEU B 178 -18.82 1.07 26.59
N ALA B 179 -18.83 1.41 25.31
CA ALA B 179 -19.05 2.79 24.89
C ALA B 179 -20.44 3.26 25.28
N ALA B 180 -21.43 2.39 25.13
CA ALA B 180 -22.84 2.77 25.40
C ALA B 180 -23.12 2.93 26.90
N ASN B 181 -22.48 2.09 27.69
CA ASN B 181 -22.63 2.12 29.16
C ASN B 181 -21.38 1.61 29.84
N SER B 182 -20.50 2.56 30.16
CA SER B 182 -19.19 2.25 30.73
C SER B 182 -19.20 2.29 32.25
N ARG B 183 -20.40 2.35 32.81
CA ARG B 183 -20.59 2.26 34.26
C ARG B 183 -19.78 3.33 35.01
N GLY B 184 -19.64 4.47 34.37
CA GLY B 184 -19.12 5.65 35.03
C GLY B 184 -17.61 5.65 34.96
N VAL B 185 -17.11 4.67 34.23
CA VAL B 185 -15.65 4.50 34.04
C VAL B 185 -15.15 5.05 32.67
N PRO B 186 -14.04 5.86 32.70
CA PRO B 186 -13.40 6.27 31.44
C PRO B 186 -13.04 5.07 30.58
N TYR B 187 -13.20 5.24 29.28
CA TYR B 187 -12.93 4.15 28.30
C TYR B 187 -12.30 4.62 27.00
N VAL B 188 -11.55 3.70 26.40
CA VAL B 188 -11.12 3.84 25.01
C VAL B 188 -11.30 2.52 24.29
N ILE B 189 -11.90 2.54 23.12
CA ILE B 189 -12.07 1.33 22.31
C ILE B 189 -11.60 1.50 20.86
N VAL B 190 -11.47 0.37 20.20
CA VAL B 190 -11.40 0.38 18.74
C VAL B 190 -12.63 -0.35 18.29
N ARG B 191 -13.51 0.36 17.59
CA ARG B 191 -14.80 -0.20 17.16
C ARG B 191 -14.61 -1.29 16.11
N GLY B 192 -15.50 -2.27 16.12
CA GLY B 192 -15.44 -3.33 15.13
C GLY B 192 -14.64 -4.53 15.55
N ARG B 193 -14.09 -5.22 14.55
CA ARG B 193 -13.47 -6.54 14.76
C ARG B 193 -11.98 -6.43 15.05
N ARG B 194 -11.43 -5.26 14.77
CA ARG B 194 -9.99 -5.02 14.95
C ARG B 194 -9.62 -4.79 16.40
N GLY B 195 -8.36 -5.03 16.70
CA GLY B 195 -7.86 -4.87 18.08
C GLY B 195 -6.68 -5.78 18.33
N GLY B 196 -6.56 -6.31 19.53
CA GLY B 196 -5.54 -7.32 19.85
C GLY B 196 -4.49 -6.84 20.83
N SER B 197 -3.57 -7.74 21.10
CA SER B 197 -2.57 -7.53 22.16
C SER B 197 -1.65 -6.36 21.85
N ALA B 198 -1.22 -6.30 20.59
CA ALA B 198 -0.23 -5.28 20.22
C ALA B 198 -0.86 -3.90 20.34
N MET B 199 -2.09 -3.76 19.85
CA MET B 199 -2.76 -2.44 19.87
C MET B 199 -3.02 -2.01 21.31
N THR B 200 -3.34 -3.01 22.12
CA THR B 200 -3.78 -2.78 23.51
C THR B 200 -2.58 -2.36 24.35
N ALA B 201 -1.46 -3.01 24.09
CA ALA B 201 -0.22 -2.72 24.79
C ALA B 201 0.22 -1.34 24.37
N ALA B 202 0.01 -1.03 23.09
CA ALA B 202 0.43 0.26 22.54
C ALA B 202 -0.26 1.39 23.25
N ALA B 203 -1.55 1.22 23.48
CA ALA B 203 -2.35 2.23 24.18
C ALA B 203 -1.79 2.47 25.58
N VAL B 204 -1.47 1.39 26.28
CA VAL B 204 -0.95 1.54 27.65
C VAL B 204 0.39 2.27 27.58
N ASN B 205 1.21 1.86 26.63
CA ASN B 205 2.57 2.38 26.49
C ASN B 205 2.55 3.88 26.21
N ALA B 206 1.53 4.32 25.48
CA ALA B 206 1.45 5.72 25.07
C ALA B 206 1.13 6.59 26.29
N LEU B 207 0.36 6.03 27.20
CA LEU B 207 -0.20 6.80 28.33
C LEU B 207 0.77 6.76 29.50
N ALA B 208 1.80 5.94 29.32
CA ALA B 208 2.77 5.62 30.40
C ALA B 208 3.90 6.61 30.43
N SER B 209 4.25 7.09 29.26
CA SER B 209 5.32 8.07 29.14
C SER B 209 4.96 9.17 28.18
N GLU B 210 5.58 10.31 28.44
CA GLU B 210 5.49 11.47 27.55
C GLU B 210 6.26 11.20 26.28
N ARG B 211 7.12 10.18 26.34
CA ARG B 211 7.69 9.62 25.12
C ARG B 211 9.13 10.07 24.92
N TYR C 8 20.36 -0.43 -31.59
CA TYR C 8 18.99 -0.34 -31.15
C TYR C 8 18.01 -0.73 -32.20
N ILE C 9 16.90 -1.32 -31.78
CA ILE C 9 15.84 -1.72 -32.68
C ILE C 9 15.08 -0.56 -33.24
N ARG C 10 14.90 -0.55 -34.55
CA ARG C 10 14.30 0.56 -35.26
C ARG C 10 13.05 0.17 -36.00
N ASP C 11 12.55 -1.02 -35.71
CA ASP C 11 11.33 -1.53 -36.31
C ASP C 11 10.23 -1.51 -35.25
N GLY C 12 9.21 -0.69 -35.45
CA GLY C 12 8.15 -0.48 -34.49
C GLY C 12 7.39 -1.76 -34.14
N GLN C 13 7.23 -2.58 -35.14
CA GLN C 13 6.68 -3.89 -35.02
C GLN C 13 7.39 -4.80 -34.09
N ALA C 14 8.68 -4.94 -34.28
CA ALA C 14 9.50 -5.89 -33.53
C ALA C 14 9.55 -5.47 -32.08
N ILE C 15 9.56 -4.16 -31.87
CA ILE C 15 9.71 -3.59 -30.53
C ILE C 15 8.48 -3.96 -29.73
N TYR C 16 7.37 -3.74 -30.38
CA TYR C 16 6.04 -4.04 -29.82
C TYR C 16 6.02 -5.49 -29.41
N ASP C 17 6.31 -6.33 -30.39
CA ASP C 17 6.24 -7.78 -30.22
C ASP C 17 7.16 -8.20 -29.07
N ARG C 18 8.33 -7.62 -29.02
CA ARG C 18 9.35 -8.10 -28.10
C ARG C 18 8.98 -7.71 -26.68
N SER C 19 8.35 -6.55 -26.55
CA SER C 19 8.03 -6.03 -25.23
C SER C 19 7.08 -6.98 -24.51
N PHE C 20 6.16 -7.54 -25.27
CA PHE C 20 5.09 -8.37 -24.71
C PHE C 20 5.61 -9.74 -24.35
N ALA C 21 6.68 -10.13 -25.05
CA ALA C 21 7.33 -11.42 -24.82
C ALA C 21 8.15 -11.34 -23.55
N ILE C 22 8.77 -10.18 -23.36
CA ILE C 22 9.61 -9.93 -22.21
C ILE C 22 8.76 -9.87 -20.98
N ILE C 23 7.59 -9.26 -21.15
CA ILE C 23 6.64 -9.11 -20.05
C ILE C 23 6.15 -10.48 -19.61
N ARG C 24 5.80 -11.30 -20.59
CA ARG C 24 5.28 -12.64 -20.30
C ARG C 24 6.30 -13.56 -19.65
N ALA C 25 7.58 -13.29 -19.87
CA ALA C 25 8.65 -14.14 -19.37
C ALA C 25 8.95 -13.78 -17.93
N GLU C 26 8.63 -12.53 -17.60
CA GLU C 26 9.02 -11.98 -16.30
C GLU C 26 7.90 -11.95 -15.30
N ALA C 27 6.71 -11.67 -15.81
CA ALA C 27 5.51 -11.44 -15.00
C ALA C 27 5.07 -12.66 -14.24
N ASP C 28 4.66 -12.41 -13.00
CA ASP C 28 4.05 -13.44 -12.17
C ASP C 28 2.53 -13.38 -12.29
N LEU C 29 2.01 -14.15 -13.21
CA LEU C 29 0.58 -14.16 -13.49
C LEU C 29 -0.08 -15.43 -12.98
N ARG C 30 0.52 -16.05 -11.97
CA ARG C 30 0.03 -17.35 -11.45
C ARG C 30 -1.44 -17.29 -11.02
N HIS C 31 -1.82 -16.11 -10.56
CA HIS C 31 -3.12 -15.93 -9.93
C HIS C 31 -3.94 -14.91 -10.66
N ILE C 32 -3.55 -14.70 -11.91
CA ILE C 32 -4.32 -13.85 -12.81
C ILE C 32 -5.11 -14.77 -13.73
N PRO C 33 -6.44 -14.66 -13.72
CA PRO C 33 -7.34 -15.48 -14.50
C PRO C 33 -7.18 -15.26 -15.98
N ALA C 34 -7.50 -16.31 -16.72
CA ALA C 34 -7.25 -16.36 -18.14
C ALA C 34 -7.90 -15.16 -18.83
N ASP C 35 -9.08 -14.79 -18.35
CA ASP C 35 -9.92 -13.74 -18.98
C ASP C 35 -9.39 -12.34 -18.64
N LEU C 36 -8.34 -12.34 -17.81
CA LEU C 36 -7.71 -11.08 -17.34
C LEU C 36 -6.23 -10.99 -17.62
N GLU C 37 -5.68 -12.05 -18.18
CA GLU C 37 -4.23 -12.14 -18.41
C GLU C 37 -3.74 -11.06 -19.38
N LYS C 38 -4.44 -10.90 -20.50
CA LYS C 38 -4.05 -9.87 -21.48
C LYS C 38 -4.20 -8.50 -20.84
N LEU C 39 -5.23 -8.33 -20.03
CA LEU C 39 -5.37 -7.07 -19.31
C LEU C 39 -4.15 -6.81 -18.42
N ALA C 40 -3.74 -7.83 -17.68
CA ALA C 40 -2.58 -7.70 -16.80
C ALA C 40 -1.34 -7.33 -17.58
N VAL C 41 -1.14 -8.02 -18.68
CA VAL C 41 0.07 -7.84 -19.50
C VAL C 41 0.10 -6.41 -20.06
N ARG C 42 -1.06 -5.94 -20.51
CA ARG C 42 -1.12 -4.65 -21.21
C ARG C 42 -0.94 -3.49 -20.22
N VAL C 43 -1.49 -3.67 -19.02
CA VAL C 43 -1.31 -2.66 -17.95
C VAL C 43 0.17 -2.55 -17.58
N ILE C 44 0.83 -3.70 -17.54
CA ILE C 44 2.28 -3.77 -17.24
C ILE C 44 3.02 -2.98 -18.30
N HIS C 45 2.67 -3.29 -19.54
CA HIS C 45 3.27 -2.67 -20.73
C HIS C 45 3.19 -1.14 -20.61
N ALA C 46 2.08 -0.65 -20.10
CA ALA C 46 1.81 0.79 -20.11
C ALA C 46 2.67 1.50 -19.10
N CYS C 47 3.01 0.78 -18.02
CA CYS C 47 3.66 1.42 -16.86
C CYS C 47 5.10 0.98 -16.60
N GLY C 48 5.53 -0.08 -17.24
CA GLY C 48 6.93 -0.55 -17.14
C GLY C 48 7.23 -1.32 -15.86
N MET C 49 6.17 -1.69 -15.15
CA MET C 49 6.29 -2.36 -13.85
C MET C 49 5.65 -3.73 -13.83
N VAL C 50 6.50 -4.74 -13.91
CA VAL C 50 5.99 -6.12 -13.94
C VAL C 50 5.23 -6.43 -12.65
N ASP C 51 5.69 -5.82 -11.57
CA ASP C 51 5.16 -6.03 -10.23
C ASP C 51 3.73 -5.50 -10.03
N VAL C 52 3.26 -4.72 -10.99
CA VAL C 52 1.97 -4.06 -10.80
C VAL C 52 0.89 -5.13 -10.78
N ALA C 53 1.21 -6.30 -11.30
CA ALA C 53 0.22 -7.39 -11.40
C ALA C 53 -0.14 -7.91 -10.00
N ASN C 54 0.72 -7.59 -9.04
CA ASN C 54 0.55 -8.05 -7.66
C ASN C 54 -0.54 -7.26 -6.99
N ASP C 55 -0.83 -6.11 -7.59
CA ASP C 55 -1.76 -5.13 -6.99
C ASP C 55 -3.11 -5.15 -7.69
N LEU C 56 -3.20 -5.93 -8.76
CA LEU C 56 -4.45 -6.18 -9.46
C LEU C 56 -5.42 -6.97 -8.61
N ALA C 57 -6.61 -6.42 -8.47
CA ALA C 57 -7.73 -7.04 -7.78
C ALA C 57 -8.96 -6.98 -8.64
N PHE C 58 -9.83 -7.97 -8.52
CA PHE C 58 -10.93 -8.11 -9.44
C PHE C 58 -11.97 -9.10 -8.94
N SER C 59 -13.19 -8.94 -9.40
CA SER C 59 -14.25 -9.89 -9.12
C SER C 59 -14.14 -11.06 -10.05
N GLU C 60 -14.74 -12.18 -9.66
CA GLU C 60 -14.65 -13.34 -10.50
C GLU C 60 -15.34 -13.11 -11.84
N GLY C 61 -14.61 -13.31 -12.92
CA GLY C 61 -15.19 -13.15 -14.25
C GLY C 61 -15.28 -11.72 -14.77
N ALA C 62 -14.58 -10.84 -14.10
CA ALA C 62 -14.54 -9.41 -14.47
C ALA C 62 -14.11 -9.21 -15.93
N GLY C 63 -13.14 -9.99 -16.33
CA GLY C 63 -12.60 -9.89 -17.67
C GLY C 63 -13.63 -10.23 -18.73
N LYS C 64 -14.25 -11.38 -18.54
CA LYS C 64 -15.25 -11.87 -19.49
C LYS C 64 -16.37 -10.86 -19.55
N ALA C 65 -16.61 -10.23 -18.42
CA ALA C 65 -17.72 -9.28 -18.31
C ALA C 65 -17.42 -8.04 -19.18
N GLY C 66 -16.18 -7.56 -19.09
CA GLY C 66 -15.81 -6.36 -19.85
C GLY C 66 -15.75 -6.65 -21.33
N ARG C 67 -15.22 -7.82 -21.64
CA ARG C 67 -14.99 -8.21 -23.03
C ARG C 67 -16.35 -8.32 -23.70
N ASN C 68 -17.26 -8.98 -23.02
CA ASN C 68 -18.58 -9.27 -23.60
C ASN C 68 -19.35 -8.02 -23.86
N ALA C 69 -19.13 -7.03 -23.00
CA ALA C 69 -19.87 -5.77 -23.06
C ALA C 69 -19.46 -5.03 -24.31
N LEU C 70 -18.15 -4.95 -24.48
CA LEU C 70 -17.58 -4.24 -25.62
C LEU C 70 -18.06 -4.89 -26.91
N LEU C 71 -18.25 -6.21 -26.85
CA LEU C 71 -18.65 -6.98 -28.04
C LEU C 71 -20.11 -6.70 -28.38
N ALA C 72 -20.82 -6.22 -27.38
CA ALA C 72 -22.27 -5.99 -27.47
C ALA C 72 -22.52 -4.53 -27.78
N GLY C 73 -21.42 -3.81 -27.98
CA GLY C 73 -21.45 -2.39 -28.34
C GLY C 73 -21.57 -1.41 -27.20
N ALA C 74 -21.17 -1.85 -26.02
CA ALA C 74 -21.24 -0.98 -24.84
C ALA C 74 -20.28 0.21 -24.96
N PRO C 75 -20.70 1.39 -24.49
CA PRO C 75 -19.77 2.51 -24.50
C PRO C 75 -18.83 2.48 -23.32
N ILE C 76 -17.80 3.32 -23.42
CA ILE C 76 -16.78 3.44 -22.40
C ILE C 76 -16.79 4.85 -21.83
N LEU C 77 -17.12 4.89 -20.55
CA LEU C 77 -17.22 6.14 -19.79
C LEU C 77 -15.91 6.41 -19.07
N CYS C 78 -15.29 7.53 -19.47
CA CYS C 78 -13.96 7.91 -19.00
C CYS C 78 -13.96 9.16 -18.16
N ASP C 79 -13.28 9.07 -17.03
CA ASP C 79 -13.21 10.19 -16.07
C ASP C 79 -12.30 11.30 -16.57
N ALA C 80 -11.37 10.91 -17.43
CA ALA C 80 -10.23 11.75 -17.84
C ALA C 80 -9.99 11.76 -19.35
N ARG C 81 -9.64 12.94 -19.85
CA ARG C 81 -9.41 13.17 -21.28
C ARG C 81 -8.31 12.26 -21.80
N MET C 82 -7.28 12.08 -20.99
CA MET C 82 -6.14 11.22 -21.38
C MET C 82 -6.53 9.74 -21.44
N VAL C 83 -7.59 9.37 -20.72
CA VAL C 83 -8.10 7.99 -20.73
C VAL C 83 -8.84 7.79 -22.04
N ALA C 84 -9.78 8.69 -22.25
CA ALA C 84 -10.57 8.74 -23.49
C ALA C 84 -9.72 8.62 -24.75
N GLU C 85 -8.64 9.38 -24.76
CA GLU C 85 -7.79 9.57 -25.96
C GLU C 85 -6.87 8.41 -26.17
N GLY C 86 -6.70 7.66 -25.10
CA GLY C 86 -5.73 6.58 -25.06
C GLY C 86 -6.35 5.29 -25.56
N ILE C 87 -7.67 5.29 -25.67
CA ILE C 87 -8.41 4.13 -26.16
C ILE C 87 -8.22 4.03 -27.68
N THR C 88 -7.81 2.86 -28.15
CA THR C 88 -7.54 2.67 -29.59
C THR C 88 -8.79 2.35 -30.37
N ARG C 89 -9.27 3.33 -31.12
CA ARG C 89 -10.56 3.19 -31.78
C ARG C 89 -10.57 1.99 -32.69
N SER C 90 -9.44 1.73 -33.32
CA SER C 90 -9.39 0.69 -34.34
C SER C 90 -9.53 -0.69 -33.71
N ARG C 91 -9.37 -0.73 -32.39
CA ARG C 91 -9.38 -1.99 -31.66
C ARG C 91 -10.81 -2.32 -31.24
N LEU C 92 -11.61 -1.28 -31.10
CA LEU C 92 -12.98 -1.43 -30.60
C LEU C 92 -13.76 -2.36 -31.53
N PRO C 93 -14.53 -3.30 -30.97
CA PRO C 93 -15.07 -4.32 -31.87
C PRO C 93 -16.45 -4.00 -32.39
N ALA C 94 -17.04 -2.94 -31.87
CA ALA C 94 -18.43 -2.61 -32.19
C ALA C 94 -18.68 -1.11 -32.26
N ASP C 95 -17.71 -0.39 -32.82
CA ASP C 95 -17.87 1.03 -33.10
C ASP C 95 -18.24 1.73 -31.80
N ASN C 96 -17.79 1.12 -30.70
CA ASN C 96 -18.16 1.59 -29.36
C ASN C 96 -17.90 3.05 -29.10
N ARG C 97 -18.85 3.73 -28.48
CA ARG C 97 -18.61 5.12 -28.15
C ARG C 97 -17.71 5.27 -26.96
N VAL C 98 -16.87 6.30 -27.04
CA VAL C 98 -16.07 6.66 -25.88
C VAL C 98 -16.60 7.97 -25.35
N ILE C 99 -17.02 7.91 -24.09
CA ILE C 99 -17.74 9.02 -23.48
C ILE C 99 -16.90 9.73 -22.44
N TYR C 100 -16.79 11.03 -22.66
CA TYR C 100 -16.02 11.91 -21.81
C TYR C 100 -16.68 13.27 -21.73
N THR C 101 -17.09 13.67 -20.53
CA THR C 101 -18.07 14.76 -20.37
C THR C 101 -17.58 15.94 -19.54
N LEU C 102 -16.33 15.87 -19.12
CA LEU C 102 -15.75 16.90 -18.24
C LEU C 102 -15.74 18.25 -18.96
N SER C 103 -15.88 18.21 -20.28
CA SER C 103 -15.77 19.42 -21.10
C SER C 103 -17.12 19.97 -21.48
N ASP C 104 -18.17 19.39 -20.91
CA ASP C 104 -19.52 19.94 -21.16
C ASP C 104 -19.61 21.31 -20.48
N PRO C 105 -20.20 22.30 -21.17
CA PRO C 105 -20.14 23.66 -20.66
C PRO C 105 -20.83 23.84 -19.33
N SER C 106 -21.70 22.92 -19.01
CA SER C 106 -22.53 22.97 -17.82
C SER C 106 -21.84 22.40 -16.57
N VAL C 107 -20.62 21.94 -16.71
CA VAL C 107 -19.94 21.32 -15.62
C VAL C 107 -19.38 22.20 -14.52
N PRO C 108 -18.81 23.34 -14.84
CA PRO C 108 -18.30 24.17 -13.76
C PRO C 108 -19.42 24.62 -12.87
N GLU C 109 -20.55 25.02 -13.42
CA GLU C 109 -21.74 25.35 -12.65
C GLU C 109 -22.18 24.22 -11.80
N LEU C 110 -22.38 23.09 -12.48
CA LEU C 110 -22.77 21.86 -11.84
C LEU C 110 -21.92 21.47 -10.66
N ALA C 111 -20.61 21.55 -10.83
CA ALA C 111 -19.67 21.27 -9.79
C ALA C 111 -19.92 22.10 -8.55
N LYS C 112 -20.30 23.35 -8.77
CA LYS C 112 -20.52 24.32 -7.71
C LYS C 112 -21.81 24.04 -6.96
N LYS C 113 -22.78 23.52 -7.66
CA LYS C 113 -24.08 23.22 -7.06
C LYS C 113 -24.06 21.96 -6.20
N ILE C 114 -23.25 20.97 -6.57
CA ILE C 114 -23.24 19.70 -5.83
C ILE C 114 -22.09 19.67 -4.85
N GLY C 115 -21.28 20.72 -4.91
CA GLY C 115 -20.17 20.93 -3.98
C GLY C 115 -19.09 19.87 -4.08
N ASN C 116 -18.89 19.38 -5.30
CA ASN C 116 -17.85 18.39 -5.57
C ASN C 116 -16.91 18.87 -6.64
N THR C 117 -16.06 17.99 -7.12
CA THR C 117 -15.08 18.38 -8.14
C THR C 117 -15.74 18.32 -9.51
N ARG C 118 -15.10 18.96 -10.47
CA ARG C 118 -15.60 18.92 -11.84
C ARG C 118 -15.64 17.46 -12.34
N SER C 119 -14.61 16.70 -11.99
CA SER C 119 -14.52 15.32 -12.45
C SER C 119 -15.76 14.57 -12.00
N ALA C 120 -16.19 14.91 -10.80
CA ALA C 120 -17.26 14.19 -10.08
C ALA C 120 -18.59 14.57 -10.66
N ALA C 121 -18.75 15.88 -10.83
CA ALA C 121 -19.97 16.49 -11.35
C ALA C 121 -20.23 15.94 -12.73
N ALA C 122 -19.15 15.63 -13.44
CA ALA C 122 -19.22 15.25 -14.86
C ALA C 122 -20.02 13.98 -15.02
N LEU C 123 -20.14 13.24 -13.92
CA LEU C 123 -20.78 11.89 -13.96
C LEU C 123 -22.29 12.02 -14.20
N ASP C 124 -22.84 13.19 -13.95
CA ASP C 124 -24.31 13.37 -14.10
C ASP C 124 -24.68 13.14 -15.56
N LEU C 125 -23.70 13.39 -16.42
CA LEU C 125 -23.93 13.37 -17.86
C LEU C 125 -23.81 11.94 -18.37
N TRP C 126 -23.27 11.09 -17.50
CA TRP C 126 -23.02 9.68 -17.83
C TRP C 126 -24.29 8.88 -17.75
N LEU C 127 -25.22 9.42 -16.99
CA LEU C 127 -26.39 8.66 -16.55
C LEU C 127 -27.18 8.04 -17.70
N PRO C 128 -27.38 8.80 -18.77
CA PRO C 128 -28.12 8.27 -19.90
C PRO C 128 -27.39 7.17 -20.66
N HIS C 129 -26.14 6.96 -20.29
CA HIS C 129 -25.26 6.04 -21.04
C HIS C 129 -24.66 4.91 -20.21
N ILE C 130 -24.88 4.98 -18.91
CA ILE C 130 -24.16 4.12 -17.93
C ILE C 130 -24.58 2.64 -17.92
N GLU C 131 -25.85 2.38 -18.22
CA GLU C 131 -26.35 1.00 -18.18
C GLU C 131 -25.61 0.12 -19.18
N GLY C 132 -24.97 -0.92 -18.68
CA GLY C 132 -24.26 -1.86 -19.54
C GLY C 132 -22.89 -1.37 -19.98
N SER C 133 -22.55 -0.19 -19.49
CA SER C 133 -21.26 0.45 -19.83
C SER C 133 -20.03 -0.20 -19.23
N ILE C 134 -18.89 0.23 -19.77
CA ILE C 134 -17.62 0.03 -19.12
C ILE C 134 -17.24 1.37 -18.54
N VAL C 135 -17.04 1.40 -17.24
CA VAL C 135 -16.56 2.62 -16.61
C VAL C 135 -15.06 2.53 -16.43
N ALA C 136 -14.37 3.57 -16.87
CA ALA C 136 -12.93 3.60 -16.82
C ALA C 136 -12.49 4.86 -16.11
N ILE C 137 -12.10 4.68 -14.85
CA ILE C 137 -11.71 5.80 -13.99
C ILE C 137 -10.21 5.73 -13.72
N GLY C 138 -9.49 6.67 -14.30
CA GLY C 138 -8.03 6.62 -14.30
C GLY C 138 -7.36 7.68 -13.48
N ASN C 139 -8.14 8.61 -12.98
CA ASN C 139 -7.55 9.81 -12.42
C ASN C 139 -8.17 10.34 -11.15
N ALA C 140 -9.47 10.51 -11.17
CA ALA C 140 -10.20 11.20 -10.09
C ALA C 140 -10.80 10.28 -9.03
N PRO C 141 -10.17 10.20 -7.84
CA PRO C 141 -10.82 9.39 -6.81
C PRO C 141 -12.22 9.90 -6.51
N THR C 142 -12.42 11.20 -6.67
CA THR C 142 -13.71 11.83 -6.38
C THR C 142 -14.79 11.39 -7.37
N ALA C 143 -14.38 10.97 -8.56
CA ALA C 143 -15.35 10.43 -9.55
C ALA C 143 -15.79 9.04 -9.09
N LEU C 144 -14.83 8.29 -8.60
CA LEU C 144 -15.12 6.93 -8.11
C LEU C 144 -16.02 7.02 -6.88
N PHE C 145 -15.68 7.93 -5.99
CA PHE C 145 -16.44 8.13 -4.75
C PHE C 145 -17.87 8.53 -5.12
N ARG C 146 -17.96 9.38 -6.12
CA ARG C 146 -19.27 9.87 -6.56
C ARG C 146 -20.12 8.75 -7.15
N LEU C 147 -19.46 7.87 -7.90
CA LEU C 147 -20.11 6.78 -8.60
C LEU C 147 -20.89 5.91 -7.62
N PHE C 148 -20.29 5.69 -6.44
CA PHE C 148 -20.86 4.81 -5.40
C PHE C 148 -22.18 5.38 -4.94
N GLU C 149 -22.15 6.69 -4.79
CA GLU C 149 -23.36 7.49 -4.46
C GLU C 149 -24.47 7.34 -5.49
N LEU C 150 -24.07 7.45 -6.74
CA LEU C 150 -25.00 7.38 -7.86
C LEU C 150 -25.58 5.99 -7.93
N LEU C 151 -24.75 5.01 -7.58
CA LEU C 151 -25.12 3.59 -7.70
C LEU C 151 -26.06 3.24 -6.58
N ASP C 152 -25.86 3.92 -5.45
CA ASP C 152 -26.68 3.65 -4.26
C ASP C 152 -28.03 4.32 -4.45
N ALA C 153 -28.03 5.40 -5.21
CA ALA C 153 -29.24 6.15 -5.53
C ALA C 153 -30.04 5.39 -6.58
N GLY C 154 -29.51 4.28 -7.06
CA GLY C 154 -30.22 3.41 -8.00
C GLY C 154 -29.93 3.65 -9.48
N ALA C 155 -28.78 4.27 -9.77
CA ALA C 155 -28.33 4.44 -11.16
C ALA C 155 -28.25 3.08 -11.86
N PRO C 156 -28.56 3.03 -13.18
CA PRO C 156 -28.35 1.73 -13.83
C PRO C 156 -26.90 1.29 -13.74
N LYS C 157 -26.70 -0.01 -13.72
CA LYS C 157 -25.38 -0.58 -13.48
C LYS C 157 -24.56 -0.77 -14.73
N PRO C 158 -23.30 -0.32 -14.69
CA PRO C 158 -22.31 -0.71 -15.69
C PRO C 158 -22.13 -2.20 -15.72
N ALA C 159 -21.57 -2.67 -16.83
CA ALA C 159 -21.22 -4.07 -16.99
C ALA C 159 -19.91 -4.35 -16.26
N LEU C 160 -19.11 -3.31 -16.13
CA LEU C 160 -17.78 -3.39 -15.51
C LEU C 160 -17.23 -2.03 -15.14
N ILE C 161 -16.61 -1.97 -13.97
CA ILE C 161 -15.95 -0.75 -13.51
C ILE C 161 -14.46 -0.99 -13.38
N ILE C 162 -13.72 -0.20 -14.12
CA ILE C 162 -12.26 -0.21 -14.08
C ILE C 162 -11.82 0.99 -13.25
N GLY C 163 -11.35 0.70 -12.05
CA GLY C 163 -10.99 1.74 -11.07
C GLY C 163 -9.49 1.80 -10.84
N MET C 164 -8.85 2.73 -11.51
CA MET C 164 -7.39 2.84 -11.42
C MET C 164 -6.86 4.25 -11.15
N PRO C 165 -7.57 5.06 -10.34
CA PRO C 165 -7.02 6.38 -10.04
C PRO C 165 -5.71 6.33 -9.31
N VAL C 166 -4.90 7.36 -9.54
CA VAL C 166 -3.56 7.42 -8.97
C VAL C 166 -3.50 8.51 -7.91
N GLY C 167 -2.56 8.33 -6.98
CA GLY C 167 -2.29 9.41 -6.02
C GLY C 167 -2.23 9.07 -4.55
N PHE C 168 -2.20 10.15 -3.80
CA PHE C 168 -1.85 10.12 -2.38
C PHE C 168 -3.00 10.45 -1.45
N VAL C 169 -4.07 10.94 -2.05
CA VAL C 169 -5.29 11.28 -1.34
C VAL C 169 -6.53 10.74 -2.04
N GLY C 170 -7.09 9.71 -1.41
CA GLY C 170 -8.36 9.15 -1.80
C GLY C 170 -8.23 7.99 -2.76
N ALA C 171 -7.09 7.92 -3.45
CA ALA C 171 -6.96 6.98 -4.58
C ALA C 171 -7.07 5.57 -4.08
N ALA C 172 -6.19 5.26 -3.13
CA ALA C 172 -6.15 3.95 -2.50
C ALA C 172 -7.51 3.56 -1.95
N GLU C 173 -8.07 4.50 -1.21
CA GLU C 173 -9.31 4.27 -0.47
C GLU C 173 -10.49 3.95 -1.39
N SER C 174 -10.61 4.74 -2.46
CA SER C 174 -11.73 4.57 -3.39
C SER C 174 -11.65 3.21 -4.08
N LYS C 175 -10.44 2.79 -4.40
CA LYS C 175 -10.29 1.55 -5.09
C LYS C 175 -10.58 0.43 -4.12
N ASP C 176 -10.19 0.58 -2.88
CA ASP C 176 -10.49 -0.47 -1.92
C ASP C 176 -12.00 -0.57 -1.61
N GLU C 177 -12.64 0.58 -1.50
CA GLU C 177 -14.09 0.59 -1.35
C GLU C 177 -14.76 -0.16 -2.51
N LEU C 178 -14.32 0.13 -3.70
CA LEU C 178 -14.83 -0.50 -4.89
C LEU C 178 -14.80 -1.98 -4.80
N ALA C 179 -13.65 -2.54 -4.46
CA ALA C 179 -13.57 -3.97 -4.29
C ALA C 179 -14.42 -4.50 -3.11
N ALA C 180 -14.49 -3.73 -2.06
CA ALA C 180 -15.19 -4.13 -0.82
C ALA C 180 -16.72 -4.18 -1.02
N ASN C 181 -17.20 -3.26 -1.82
CA ASN C 181 -18.63 -3.16 -2.18
C ASN C 181 -18.83 -2.49 -3.52
N SER C 182 -18.91 -3.31 -4.56
CA SER C 182 -18.96 -2.82 -5.94
C SER C 182 -20.42 -2.62 -6.36
N ARG C 183 -21.30 -2.79 -5.38
CA ARG C 183 -22.75 -2.60 -5.61
C ARG C 183 -23.32 -3.53 -6.68
N GLY C 184 -22.69 -4.69 -6.81
CA GLY C 184 -23.23 -5.78 -7.64
C GLY C 184 -22.57 -5.79 -9.00
N VAL C 185 -21.70 -4.81 -9.18
CA VAL C 185 -21.02 -4.57 -10.45
C VAL C 185 -19.63 -5.21 -10.46
N PRO C 186 -19.26 -5.87 -11.58
CA PRO C 186 -17.89 -6.37 -11.74
C PRO C 186 -16.88 -5.24 -11.72
N TYR C 187 -15.70 -5.54 -11.19
CA TYR C 187 -14.63 -4.54 -11.09
C TYR C 187 -13.25 -5.12 -11.38
N VAL C 188 -12.38 -4.22 -11.81
CA VAL C 188 -10.94 -4.45 -11.79
C VAL C 188 -10.26 -3.19 -11.28
N ILE C 189 -9.40 -3.36 -10.28
CA ILE C 189 -8.61 -2.23 -9.78
C ILE C 189 -7.14 -2.55 -9.75
N VAL C 190 -6.35 -1.49 -9.66
CA VAL C 190 -4.96 -1.61 -9.16
C VAL C 190 -4.89 -0.98 -7.78
N ARG C 191 -4.56 -1.79 -6.79
CA ARG C 191 -4.52 -1.33 -5.41
C ARG C 191 -3.36 -0.41 -5.11
N GLY C 192 -3.58 0.41 -4.09
CA GLY C 192 -2.56 1.33 -3.58
C GLY C 192 -2.56 2.66 -4.28
N ARG C 193 -1.38 3.25 -4.37
CA ARG C 193 -1.22 4.60 -4.91
C ARG C 193 -1.07 4.62 -6.43
N ARG C 194 -0.69 3.50 -7.01
CA ARG C 194 -0.43 3.45 -8.46
C ARG C 194 -1.69 3.41 -9.29
N GLY C 195 -1.50 3.77 -10.55
CA GLY C 195 -2.59 3.91 -11.54
C GLY C 195 -2.29 4.90 -12.64
N GLY C 196 -3.35 5.59 -13.06
CA GLY C 196 -3.25 6.68 -14.01
C GLY C 196 -3.91 6.40 -15.35
N SER C 197 -3.88 7.41 -16.20
CA SER C 197 -4.64 7.38 -17.45
C SER C 197 -4.11 6.30 -18.38
N ALA C 198 -2.80 6.09 -18.34
CA ALA C 198 -2.13 5.17 -19.26
C ALA C 198 -2.54 3.74 -18.94
N MET C 199 -2.54 3.42 -17.66
CA MET C 199 -2.84 2.04 -17.23
C MET C 199 -4.29 1.75 -17.58
N THR C 200 -5.12 2.78 -17.43
CA THR C 200 -6.58 2.60 -17.46
C THR C 200 -7.00 2.35 -18.91
N ALA C 201 -6.39 3.10 -19.82
CA ALA C 201 -6.73 3.00 -21.24
C ALA C 201 -6.24 1.64 -21.73
N ALA C 202 -5.14 1.20 -21.13
CA ALA C 202 -4.51 -0.04 -21.54
C ALA C 202 -5.42 -1.21 -21.17
N ALA C 203 -6.13 -1.02 -20.07
CA ALA C 203 -7.01 -2.09 -19.54
C ALA C 203 -8.20 -2.24 -20.48
N VAL C 204 -8.63 -1.10 -21.01
CA VAL C 204 -9.79 -1.06 -21.91
C VAL C 204 -9.42 -1.69 -23.24
N ASN C 205 -8.25 -1.28 -23.68
CA ASN C 205 -7.68 -1.77 -24.93
C ASN C 205 -7.49 -3.28 -24.91
N ALA C 206 -7.10 -3.80 -23.75
CA ALA C 206 -6.85 -5.26 -23.62
C ALA C 206 -8.16 -6.01 -23.74
N LEU C 207 -9.20 -5.43 -23.16
CA LEU C 207 -10.52 -6.07 -23.18
C LEU C 207 -11.21 -5.91 -24.53
N ALA C 208 -10.78 -4.91 -25.30
CA ALA C 208 -11.34 -4.65 -26.64
C ALA C 208 -10.95 -5.73 -27.63
N SER C 209 -9.91 -6.48 -27.29
CA SER C 209 -9.29 -7.46 -28.21
C SER C 209 -9.95 -8.87 -28.17
N GLU C 210 -9.30 -9.88 -28.72
CA GLU C 210 -9.99 -11.18 -28.81
C GLU C 210 -9.06 -12.38 -29.00
N TYR D 8 -14.86 11.69 2.28
CA TYR D 8 -13.70 11.95 1.38
C TYR D 8 -13.68 13.43 1.04
N ILE D 9 -12.48 13.97 0.85
CA ILE D 9 -12.33 15.36 0.47
C ILE D 9 -13.03 15.60 -0.86
N ARG D 10 -13.96 16.55 -0.87
CA ARG D 10 -14.68 16.91 -2.09
C ARG D 10 -14.14 18.20 -2.63
N ASP D 11 -13.03 18.63 -2.05
CA ASP D 11 -12.50 19.95 -2.38
C ASP D 11 -11.21 19.86 -3.14
N GLY D 12 -11.31 19.97 -4.46
CA GLY D 12 -10.15 19.81 -5.33
C GLY D 12 -8.88 20.37 -4.75
N GLN D 13 -8.91 21.66 -4.47
CA GLN D 13 -7.72 22.41 -4.03
C GLN D 13 -7.10 21.82 -2.76
N ALA D 14 -7.94 21.22 -1.91
CA ALA D 14 -7.47 20.73 -0.62
C ALA D 14 -6.83 19.37 -0.80
N ILE D 15 -7.33 18.65 -1.80
CA ILE D 15 -6.84 17.32 -2.11
C ILE D 15 -5.44 17.46 -2.71
N TYR D 16 -5.27 18.57 -3.41
CA TYR D 16 -4.02 18.91 -4.09
C TYR D 16 -3.01 19.16 -2.99
N ASP D 17 -3.30 20.24 -2.26
CA ASP D 17 -2.45 20.72 -1.17
C ASP D 17 -1.95 19.57 -0.32
N ARG D 18 -2.86 18.65 -0.05
CA ARG D 18 -2.62 17.63 0.98
C ARG D 18 -1.63 16.61 0.44
N SER D 19 -1.80 16.35 -0.84
CA SER D 19 -0.99 15.36 -1.55
C SER D 19 0.47 15.70 -1.46
N PHE D 20 0.75 16.93 -1.85
CA PHE D 20 2.12 17.43 -1.94
C PHE D 20 2.82 17.28 -0.59
N ALA D 21 2.05 17.51 0.47
CA ALA D 21 2.53 17.43 1.87
C ALA D 21 2.98 16.02 2.23
N ILE D 22 2.13 15.09 1.85
CA ILE D 22 2.37 13.68 2.11
C ILE D 22 3.64 13.22 1.36
N ILE D 23 3.79 13.75 0.17
CA ILE D 23 4.91 13.35 -0.70
C ILE D 23 6.20 13.77 -0.03
N ARG D 24 6.23 15.05 0.29
CA ARG D 24 7.38 15.62 0.99
C ARG D 24 7.69 14.93 2.31
N ALA D 25 6.66 14.40 2.96
CA ALA D 25 6.83 13.80 4.29
C ALA D 25 7.42 12.39 4.22
N GLU D 26 7.29 11.79 3.05
CA GLU D 26 7.63 10.38 2.87
C GLU D 26 8.68 10.10 1.81
N ALA D 27 8.87 11.03 0.90
CA ALA D 27 9.92 10.92 -0.13
C ALA D 27 11.28 11.37 0.37
N ASP D 28 12.30 10.61 0.01
CA ASP D 28 13.72 10.98 0.26
C ASP D 28 14.26 11.87 -0.84
N LEU D 29 14.22 13.17 -0.56
CA LEU D 29 14.65 14.21 -1.49
C LEU D 29 15.98 14.79 -1.11
N ARG D 30 16.75 14.03 -0.35
CA ARG D 30 17.99 14.55 0.25
C ARG D 30 19.05 14.87 -0.81
N HIS D 31 19.05 14.06 -1.86
CA HIS D 31 20.04 14.14 -2.91
C HIS D 31 19.45 14.82 -4.12
N ILE D 32 18.39 15.57 -3.89
CA ILE D 32 17.79 16.34 -4.94
C ILE D 32 18.16 17.77 -4.68
N PRO D 33 18.73 18.42 -5.69
CA PRO D 33 19.12 19.80 -5.53
C PRO D 33 17.92 20.73 -5.60
N ALA D 34 18.10 21.94 -5.08
CA ALA D 34 16.99 22.84 -4.85
C ALA D 34 16.28 23.18 -6.15
N ASP D 35 17.06 23.30 -7.21
CA ASP D 35 16.54 23.63 -8.55
C ASP D 35 15.62 22.55 -9.09
N LEU D 36 15.67 21.37 -8.47
CA LEU D 36 14.89 20.26 -8.92
C LEU D 36 13.93 19.63 -7.89
N GLU D 37 13.87 20.21 -6.70
CA GLU D 37 12.96 19.64 -5.73
C GLU D 37 11.53 19.57 -6.21
N LYS D 38 11.05 20.65 -6.81
CA LYS D 38 9.68 20.74 -7.21
C LYS D 38 9.40 19.80 -8.37
N LEU D 39 10.36 19.59 -9.24
CA LEU D 39 10.16 18.64 -10.33
C LEU D 39 9.97 17.25 -9.78
N ALA D 40 10.85 16.91 -8.87
CA ALA D 40 10.86 15.59 -8.22
C ALA D 40 9.52 15.32 -7.57
N VAL D 41 9.03 16.34 -6.87
CA VAL D 41 7.81 16.18 -6.08
C VAL D 41 6.64 15.97 -7.02
N ARG D 42 6.63 16.77 -8.08
CA ARG D 42 5.55 16.75 -9.07
C ARG D 42 5.52 15.46 -9.92
N VAL D 43 6.69 14.91 -10.19
CA VAL D 43 6.76 13.68 -10.94
C VAL D 43 6.25 12.56 -10.03
N ILE D 44 6.49 12.71 -8.73
CA ILE D 44 6.05 11.70 -7.76
C ILE D 44 4.53 11.72 -7.68
N HIS D 45 4.00 12.92 -7.80
CA HIS D 45 2.55 13.15 -7.70
C HIS D 45 1.85 12.47 -8.87
N ALA D 46 2.56 12.46 -10.00
CA ALA D 46 1.96 12.05 -11.27
C ALA D 46 1.79 10.54 -11.25
N CYS D 47 2.71 9.90 -10.55
CA CYS D 47 2.90 8.45 -10.66
C CYS D 47 2.57 7.65 -9.41
N GLY D 48 2.46 8.34 -8.28
CA GLY D 48 2.05 7.70 -7.03
C GLY D 48 3.12 6.86 -6.36
N MET D 49 4.36 7.03 -6.80
CA MET D 49 5.52 6.31 -6.23
C MET D 49 6.62 7.22 -5.70
N VAL D 50 6.68 7.37 -4.38
CA VAL D 50 7.74 8.17 -3.77
C VAL D 50 9.13 7.63 -4.10
N ASP D 51 9.25 6.33 -4.32
CA ASP D 51 10.55 5.76 -4.67
C ASP D 51 11.09 6.14 -6.08
N VAL D 52 10.35 6.85 -6.91
CA VAL D 52 10.94 7.21 -8.20
C VAL D 52 12.01 8.26 -7.98
N ALA D 53 11.92 8.97 -6.87
CA ALA D 53 12.95 9.94 -6.52
C ALA D 53 14.32 9.28 -6.59
N ASN D 54 14.34 8.00 -6.25
CA ASN D 54 15.60 7.25 -6.14
C ASN D 54 16.23 7.19 -7.52
N ASP D 55 15.36 7.15 -8.52
CA ASP D 55 15.77 6.79 -9.88
C ASP D 55 15.97 8.03 -10.75
N LEU D 56 15.70 9.18 -10.16
CA LEU D 56 16.02 10.46 -10.79
C LEU D 56 17.51 10.65 -10.98
N ALA D 57 17.88 10.99 -12.21
CA ALA D 57 19.26 11.37 -12.52
C ALA D 57 19.26 12.66 -13.33
N PHE D 58 20.32 13.43 -13.14
CA PHE D 58 20.37 14.74 -13.75
C PHE D 58 21.77 15.31 -13.74
N SER D 59 21.96 16.23 -14.64
CA SER D 59 23.18 17.03 -14.68
C SER D 59 23.02 18.16 -13.68
N GLU D 60 24.12 18.58 -13.09
CA GLU D 60 24.05 19.72 -12.16
C GLU D 60 23.43 20.96 -12.82
N GLY D 61 22.46 21.54 -12.14
CA GLY D 61 21.84 22.80 -12.58
C GLY D 61 20.84 22.60 -13.68
N ALA D 62 20.57 21.34 -13.97
CA ALA D 62 19.60 20.96 -15.02
C ALA D 62 18.26 21.61 -14.82
N GLY D 63 18.00 21.95 -13.56
CA GLY D 63 16.71 22.49 -13.16
C GLY D 63 16.61 23.96 -13.50
N LYS D 64 17.69 24.67 -13.18
CA LYS D 64 17.75 26.10 -13.45
C LYS D 64 17.76 26.29 -14.95
N ALA D 65 18.46 25.36 -15.59
CA ALA D 65 18.70 25.41 -17.02
C ALA D 65 17.38 25.46 -17.74
N GLY D 66 16.47 24.60 -17.30
CA GLY D 66 15.19 24.40 -17.98
C GLY D 66 14.21 25.49 -17.63
N ARG D 67 14.32 25.94 -16.39
CA ARG D 67 13.39 26.93 -15.86
C ARG D 67 13.71 28.23 -16.53
N ASN D 68 15.02 28.51 -16.60
CA ASN D 68 15.50 29.76 -17.19
C ASN D 68 15.13 29.81 -18.64
N ALA D 69 15.22 28.66 -19.32
CA ALA D 69 14.88 28.61 -20.73
C ALA D 69 13.40 28.96 -20.96
N LEU D 70 12.51 28.30 -20.23
CA LEU D 70 11.06 28.55 -20.41
C LEU D 70 10.74 30.00 -20.11
N LEU D 71 11.57 30.63 -19.29
CA LEU D 71 11.33 32.03 -18.88
C LEU D 71 11.69 32.96 -20.01
N ALA D 72 12.63 32.47 -20.81
CA ALA D 72 13.24 33.24 -21.88
C ALA D 72 12.44 32.94 -23.13
N GLY D 73 11.36 32.20 -22.90
CA GLY D 73 10.38 31.90 -23.93
C GLY D 73 10.61 30.60 -24.68
N ALA D 74 11.44 29.75 -24.12
CA ALA D 74 11.80 28.46 -24.75
C ALA D 74 10.57 27.66 -25.22
N PRO D 75 10.66 27.00 -26.40
CA PRO D 75 9.61 26.09 -26.80
C PRO D 75 9.85 24.69 -26.29
N ILE D 76 8.77 23.93 -26.17
CA ILE D 76 8.81 22.53 -25.70
C ILE D 76 8.44 21.52 -26.81
N LEU D 77 9.43 20.71 -27.15
CA LEU D 77 9.32 19.74 -28.24
C LEU D 77 9.05 18.35 -27.65
N CYS D 78 7.88 17.82 -27.98
CA CYS D 78 7.37 16.57 -27.39
C CYS D 78 7.29 15.44 -28.39
N ASP D 79 7.56 14.23 -27.91
CA ASP D 79 7.65 13.05 -28.79
C ASP D 79 6.26 12.49 -29.06
N ALA D 80 5.32 12.81 -28.18
CA ALA D 80 4.00 12.15 -28.18
C ALA D 80 2.86 13.09 -27.84
N ARG D 81 1.70 12.72 -28.37
CA ARG D 81 0.50 13.57 -28.28
C ARG D 81 0.16 13.81 -26.83
N MET D 82 0.23 12.75 -26.05
CA MET D 82 -0.16 12.79 -24.62
C MET D 82 0.74 13.70 -23.83
N VAL D 83 2.00 13.76 -24.26
CA VAL D 83 2.98 14.58 -23.57
C VAL D 83 2.63 16.05 -23.80
N ALA D 84 2.35 16.39 -25.05
CA ALA D 84 2.11 17.80 -25.40
C ALA D 84 0.85 18.30 -24.70
N GLU D 85 -0.13 17.40 -24.60
CA GLU D 85 -1.45 17.75 -24.08
C GLU D 85 -1.41 17.92 -22.57
N GLY D 86 -0.40 17.32 -21.98
CA GLY D 86 -0.24 17.26 -20.53
C GLY D 86 0.34 18.55 -19.99
N ILE D 87 0.91 19.35 -20.89
CA ILE D 87 1.55 20.62 -20.48
C ILE D 87 0.43 21.61 -20.24
N THR D 88 0.38 22.12 -19.01
CA THR D 88 -0.70 23.03 -18.59
C THR D 88 -0.37 24.45 -18.97
N ARG D 89 -1.09 24.91 -19.98
CA ARG D 89 -0.72 26.09 -20.75
C ARG D 89 -0.67 27.32 -19.86
N SER D 90 -1.46 27.27 -18.79
CA SER D 90 -1.64 28.43 -17.91
C SER D 90 -0.46 28.54 -16.98
N ARG D 91 0.38 27.52 -17.04
CA ARG D 91 1.57 27.42 -16.21
C ARG D 91 2.72 28.07 -16.96
N LEU D 92 2.54 28.20 -18.27
CA LEU D 92 3.66 28.61 -19.17
C LEU D 92 3.88 30.12 -19.05
N PRO D 93 5.11 30.52 -18.71
CA PRO D 93 5.39 31.89 -18.28
C PRO D 93 5.78 32.83 -19.41
N ALA D 94 5.65 32.36 -20.63
CA ALA D 94 6.15 33.13 -21.75
C ALA D 94 5.63 32.68 -23.09
N ASP D 95 4.33 32.42 -23.11
CA ASP D 95 3.63 32.06 -24.34
C ASP D 95 4.43 30.99 -25.02
N ASN D 96 5.17 30.26 -24.19
CA ASN D 96 5.94 29.12 -24.64
C ASN D 96 5.12 28.31 -25.60
N ARG D 97 5.77 27.89 -26.66
CA ARG D 97 5.14 27.09 -27.71
C ARG D 97 5.32 25.61 -27.41
N VAL D 98 4.29 24.85 -27.73
CA VAL D 98 4.33 23.38 -27.58
C VAL D 98 4.28 22.76 -28.95
N ILE D 99 5.37 22.08 -29.30
CA ILE D 99 5.55 21.53 -30.63
C ILE D 99 5.47 20.00 -30.63
N TYR D 100 4.58 19.50 -31.46
CA TYR D 100 4.41 18.06 -31.68
C TYR D 100 4.28 17.76 -33.18
N THR D 101 5.18 16.94 -33.71
CA THR D 101 5.33 16.81 -35.16
C THR D 101 5.00 15.43 -35.68
N LEU D 102 4.70 14.55 -34.75
CA LEU D 102 4.53 13.14 -35.10
C LEU D 102 3.36 12.93 -36.07
N SER D 103 2.43 13.89 -36.09
CA SER D 103 1.31 13.78 -37.02
C SER D 103 1.40 14.72 -38.24
N ASP D 104 2.60 15.18 -38.57
CA ASP D 104 2.88 15.82 -39.86
C ASP D 104 2.72 14.78 -40.97
N PRO D 105 2.14 15.18 -42.12
CA PRO D 105 1.81 14.17 -43.13
C PRO D 105 3.00 13.53 -43.81
N SER D 106 4.16 14.17 -43.67
CA SER D 106 5.41 13.71 -44.32
C SER D 106 6.14 12.62 -43.51
N VAL D 107 5.87 12.58 -42.22
CA VAL D 107 6.47 11.59 -41.30
C VAL D 107 6.51 10.14 -41.79
N PRO D 108 5.40 9.53 -42.17
CA PRO D 108 5.48 8.12 -42.45
C PRO D 108 6.44 7.86 -43.57
N GLU D 109 6.57 8.79 -44.49
CA GLU D 109 7.44 8.64 -45.62
C GLU D 109 8.87 8.70 -45.16
N LEU D 110 9.12 9.74 -44.39
CA LEU D 110 10.44 10.02 -43.89
C LEU D 110 10.97 8.85 -43.09
N ALA D 111 10.09 8.08 -42.48
CA ALA D 111 10.48 6.95 -41.67
C ALA D 111 11.01 5.80 -42.46
N LYS D 112 10.31 5.50 -43.53
CA LYS D 112 10.69 4.50 -44.50
C LYS D 112 12.06 4.88 -44.98
N LYS D 113 12.16 6.15 -45.31
CA LYS D 113 13.34 6.77 -45.79
C LYS D 113 14.48 6.49 -44.92
N ILE D 114 14.49 7.09 -43.72
CA ILE D 114 15.60 6.96 -42.79
C ILE D 114 15.76 5.64 -42.08
N GLY D 115 14.80 4.74 -42.31
CA GLY D 115 14.84 3.40 -41.71
C GLY D 115 14.77 3.46 -40.20
N ASN D 116 13.75 4.16 -39.72
CA ASN D 116 13.50 4.27 -38.29
C ASN D 116 12.01 4.28 -38.01
N THR D 117 11.67 4.52 -36.76
CA THR D 117 10.26 4.59 -36.34
C THR D 117 9.68 5.93 -36.73
N ARG D 118 8.36 6.00 -36.74
CA ARG D 118 7.70 7.29 -37.01
C ARG D 118 8.06 8.29 -35.94
N SER D 119 8.12 7.80 -34.71
CA SER D 119 8.39 8.65 -33.55
C SER D 119 9.75 9.31 -33.72
N ALA D 120 10.64 8.53 -34.33
CA ALA D 120 12.03 8.93 -34.52
C ALA D 120 12.11 9.90 -35.68
N ALA D 121 11.46 9.54 -36.76
CA ALA D 121 11.42 10.38 -37.97
C ALA D 121 10.89 11.78 -37.70
N ALA D 122 9.91 11.88 -36.80
CA ALA D 122 9.26 13.19 -36.50
C ALA D 122 10.26 14.26 -36.09
N LEU D 123 11.39 13.83 -35.54
CA LEU D 123 12.35 14.76 -34.92
C LEU D 123 12.99 15.67 -35.98
N ASP D 124 12.99 15.22 -37.22
CA ASP D 124 13.59 16.01 -38.29
C ASP D 124 12.92 17.36 -38.26
N LEU D 125 11.62 17.33 -37.99
CA LEU D 125 10.77 18.50 -38.05
C LEU D 125 11.03 19.46 -36.90
N TRP D 126 11.89 19.03 -35.99
CA TRP D 126 12.13 19.75 -34.73
C TRP D 126 13.19 20.78 -34.99
N LEU D 127 13.91 20.50 -36.05
CA LEU D 127 15.20 21.13 -36.33
C LEU D 127 15.14 22.67 -36.22
N PRO D 128 14.11 23.28 -36.79
CA PRO D 128 14.05 24.74 -36.82
C PRO D 128 13.75 25.35 -35.46
N HIS D 129 13.53 24.47 -34.48
CA HIS D 129 13.01 24.86 -33.16
C HIS D 129 13.85 24.39 -31.98
N ILE D 130 14.83 23.54 -32.28
CA ILE D 130 15.56 22.78 -31.26
C ILE D 130 16.50 23.64 -30.43
N GLU D 131 16.97 24.71 -31.04
CA GLU D 131 17.90 25.59 -30.34
C GLU D 131 17.27 26.12 -29.08
N GLY D 132 17.87 25.73 -27.95
CA GLY D 132 17.57 26.33 -26.65
C GLY D 132 16.19 25.97 -26.14
N SER D 133 15.66 24.90 -26.73
CA SER D 133 14.36 24.34 -26.33
C SER D 133 14.42 23.41 -25.15
N ILE D 134 13.20 23.06 -24.74
CA ILE D 134 12.95 21.92 -23.85
C ILE D 134 12.48 20.76 -24.66
N VAL D 135 13.25 19.69 -24.54
CA VAL D 135 12.88 18.43 -25.14
C VAL D 135 12.26 17.54 -24.07
N ALA D 136 11.04 17.14 -24.38
CA ALA D 136 10.25 16.23 -23.55
C ALA D 136 9.92 14.95 -24.27
N ILE D 137 10.67 13.90 -23.94
CA ILE D 137 10.45 12.56 -24.48
C ILE D 137 9.86 11.63 -23.41
N GLY D 138 8.60 11.30 -23.60
CA GLY D 138 7.82 10.64 -22.59
C GLY D 138 7.47 9.22 -22.95
N ASN D 139 7.61 8.88 -24.22
CA ASN D 139 7.18 7.57 -24.72
C ASN D 139 8.21 6.79 -25.52
N ALA D 140 8.75 7.42 -26.55
CA ALA D 140 9.50 6.72 -27.59
C ALA D 140 11.01 6.65 -27.29
N PRO D 141 11.52 5.46 -26.98
CA PRO D 141 12.97 5.42 -26.79
C PRO D 141 13.74 5.77 -28.07
N THR D 142 13.17 5.39 -29.21
CA THR D 142 13.85 5.59 -30.51
C THR D 142 13.90 7.06 -30.86
N ALA D 143 13.11 7.85 -30.14
CA ALA D 143 13.13 9.31 -30.32
C ALA D 143 14.37 9.87 -29.62
N LEU D 144 14.68 9.26 -28.49
CA LEU D 144 15.83 9.69 -27.68
C LEU D 144 17.09 9.24 -28.43
N PHE D 145 17.02 8.02 -28.97
CA PHE D 145 18.17 7.48 -29.70
C PHE D 145 18.45 8.38 -30.89
N ARG D 146 17.38 8.77 -31.55
CA ARG D 146 17.49 9.55 -32.79
C ARG D 146 18.11 10.88 -32.47
N LEU D 147 17.52 11.50 -31.46
CA LEU D 147 18.00 12.80 -30.97
C LEU D 147 19.52 12.84 -30.83
N PHE D 148 20.10 11.74 -30.34
CA PHE D 148 21.55 11.70 -30.12
C PHE D 148 22.23 11.87 -31.47
N GLU D 149 21.59 11.27 -32.48
CA GLU D 149 22.15 11.19 -33.83
C GLU D 149 22.12 12.59 -34.43
N LEU D 150 21.07 13.33 -34.07
CA LEU D 150 20.83 14.66 -34.68
C LEU D 150 21.81 15.66 -34.07
N LEU D 151 22.06 15.46 -32.79
CA LEU D 151 22.98 16.29 -32.07
C LEU D 151 24.38 16.04 -32.63
N ASP D 152 24.70 14.78 -32.83
CA ASP D 152 26.04 14.43 -33.31
C ASP D 152 26.21 15.05 -34.67
N ALA D 153 25.09 15.07 -35.37
CA ALA D 153 25.03 15.50 -36.77
C ALA D 153 25.12 17.02 -36.89
N GLY D 154 25.09 17.71 -35.76
CA GLY D 154 25.34 19.15 -35.73
C GLY D 154 24.17 20.02 -35.34
N ALA D 155 23.09 19.41 -34.88
CA ALA D 155 21.90 20.16 -34.51
C ALA D 155 22.20 21.13 -33.37
N PRO D 156 21.62 22.33 -33.42
CA PRO D 156 21.76 23.26 -32.29
C PRO D 156 21.22 22.62 -31.01
N LYS D 157 21.89 22.92 -29.90
CA LYS D 157 21.61 22.29 -28.63
C LYS D 157 20.38 22.85 -27.91
N PRO D 158 19.48 21.95 -27.48
CA PRO D 158 18.39 22.31 -26.56
C PRO D 158 18.92 22.83 -25.24
N ALA D 159 18.06 23.46 -24.48
CA ALA D 159 18.40 24.02 -23.16
C ALA D 159 18.44 22.89 -22.15
N LEU D 160 17.62 21.90 -22.43
CA LEU D 160 17.39 20.77 -21.51
C LEU D 160 16.62 19.64 -22.17
N ILE D 161 17.08 18.43 -21.90
CA ILE D 161 16.40 17.22 -22.38
C ILE D 161 15.83 16.44 -21.23
N ILE D 162 14.50 16.32 -21.25
CA ILE D 162 13.81 15.44 -20.31
C ILE D 162 13.54 14.09 -20.96
N GLY D 163 14.28 13.10 -20.51
CA GLY D 163 14.23 11.75 -21.06
C GLY D 163 13.57 10.80 -20.09
N MET D 164 12.26 10.65 -20.24
CA MET D 164 11.50 9.69 -19.42
C MET D 164 10.66 8.68 -20.22
N PRO D 165 11.23 8.10 -21.28
CA PRO D 165 10.44 7.08 -21.95
C PRO D 165 10.23 5.84 -21.09
N VAL D 166 9.11 5.18 -21.32
CA VAL D 166 8.74 4.01 -20.55
C VAL D 166 8.86 2.76 -21.38
N GLY D 167 9.10 1.66 -20.68
CA GLY D 167 8.99 0.35 -21.28
C GLY D 167 10.15 -0.58 -21.13
N PHE D 168 10.07 -1.62 -21.96
CA PHE D 168 10.83 -2.85 -21.82
C PHE D 168 11.84 -3.03 -22.94
N VAL D 169 11.72 -2.20 -23.96
CA VAL D 169 12.62 -2.26 -25.12
C VAL D 169 13.23 -0.91 -25.41
N GLY D 170 14.47 -0.77 -24.97
CA GLY D 170 15.28 0.41 -25.24
C GLY D 170 15.12 1.59 -24.31
N ALA D 171 14.08 1.61 -23.50
CA ALA D 171 13.83 2.77 -22.63
C ALA D 171 14.96 3.01 -21.65
N ALA D 172 15.27 1.98 -20.90
CA ALA D 172 16.30 2.09 -19.85
C ALA D 172 17.63 2.48 -20.46
N GLU D 173 17.87 1.92 -21.64
CA GLU D 173 19.16 2.01 -22.33
C GLU D 173 19.33 3.39 -22.84
N SER D 174 18.28 3.86 -23.51
CA SER D 174 18.26 5.20 -24.11
C SER D 174 18.51 6.25 -23.05
N LYS D 175 17.95 6.01 -21.88
CA LYS D 175 18.04 7.00 -20.79
C LYS D 175 19.42 6.96 -20.16
N ASP D 176 19.97 5.76 -20.02
CA ASP D 176 21.34 5.61 -19.48
C ASP D 176 22.35 6.27 -20.44
N GLU D 177 22.12 6.09 -21.73
CA GLU D 177 22.99 6.69 -22.76
C GLU D 177 22.97 8.21 -22.65
N LEU D 178 21.80 8.74 -22.32
CA LEU D 178 21.58 10.19 -22.24
C LEU D 178 22.39 10.78 -21.09
N ALA D 179 22.42 10.03 -19.99
CA ALA D 179 23.08 10.53 -18.77
C ALA D 179 24.57 10.34 -18.95
N ALA D 180 24.94 9.32 -19.72
CA ALA D 180 26.34 8.94 -19.92
C ALA D 180 27.06 9.86 -20.91
N ASN D 181 26.32 10.26 -21.95
CA ASN D 181 26.80 11.20 -22.98
C ASN D 181 25.67 12.07 -23.53
N SER D 182 25.43 13.18 -22.85
CA SER D 182 24.31 14.09 -23.12
C SER D 182 24.64 15.08 -24.23
N ARG D 183 25.80 14.86 -24.85
CA ARG D 183 26.28 15.73 -25.93
C ARG D 183 26.37 17.17 -25.44
N GLY D 184 26.75 17.31 -24.19
CA GLY D 184 27.04 18.62 -23.61
C GLY D 184 25.75 19.39 -23.37
N VAL D 185 24.66 18.65 -23.33
CA VAL D 185 23.34 19.23 -23.01
C VAL D 185 22.85 18.80 -21.62
N PRO D 186 22.17 19.72 -20.91
CA PRO D 186 21.62 19.33 -19.62
C PRO D 186 20.46 18.36 -19.81
N TYR D 187 20.38 17.43 -18.87
CA TYR D 187 19.37 16.36 -18.89
C TYR D 187 18.70 16.14 -17.52
N VAL D 188 17.48 15.65 -17.59
CA VAL D 188 16.87 14.95 -16.46
C VAL D 188 16.20 13.66 -16.93
N ILE D 189 16.49 12.60 -16.19
CA ILE D 189 15.87 11.27 -16.42
C ILE D 189 15.35 10.55 -15.19
N VAL D 190 14.52 9.56 -15.48
CA VAL D 190 14.13 8.51 -14.53
C VAL D 190 14.73 7.20 -15.04
N ARG D 191 15.63 6.66 -14.23
CA ARG D 191 16.34 5.43 -14.60
C ARG D 191 15.36 4.29 -14.63
N GLY D 192 15.66 3.31 -15.48
CA GLY D 192 14.90 2.07 -15.56
C GLY D 192 13.77 2.11 -16.56
N ARG D 193 12.76 1.31 -16.26
CA ARG D 193 11.66 1.05 -17.20
C ARG D 193 10.47 1.97 -16.99
N ARG D 194 10.43 2.62 -15.84
CA ARG D 194 9.33 3.56 -15.55
C ARG D 194 9.53 4.86 -16.29
N GLY D 195 8.43 5.57 -16.41
CA GLY D 195 8.33 6.80 -17.17
C GLY D 195 6.93 7.00 -17.74
N GLY D 196 6.86 7.67 -18.88
CA GLY D 196 5.58 7.86 -19.56
C GLY D 196 5.14 9.30 -19.66
N SER D 197 3.96 9.48 -20.23
CA SER D 197 3.47 10.80 -20.64
C SER D 197 3.14 11.68 -19.42
N ALA D 198 2.50 11.07 -18.42
CA ALA D 198 2.09 11.84 -17.24
C ALA D 198 3.30 12.38 -16.52
N MET D 199 4.30 11.51 -16.38
CA MET D 199 5.52 11.85 -15.63
C MET D 199 6.25 12.99 -16.33
N THR D 200 6.26 12.92 -17.64
CA THR D 200 7.14 13.80 -18.44
C THR D 200 6.52 15.19 -18.48
N ALA D 201 5.19 15.22 -18.52
CA ALA D 201 4.45 16.50 -18.52
C ALA D 201 4.58 17.18 -17.16
N ALA D 202 4.56 16.36 -16.12
CA ALA D 202 4.62 16.85 -14.76
C ALA D 202 5.97 17.52 -14.58
N ALA D 203 6.96 16.95 -15.24
CA ALA D 203 8.32 17.50 -15.15
C ALA D 203 8.34 18.90 -15.77
N VAL D 204 7.75 19.01 -16.94
CA VAL D 204 7.69 20.30 -17.63
C VAL D 204 6.96 21.29 -16.76
N ASN D 205 5.83 20.83 -16.27
CA ASN D 205 4.96 21.69 -15.47
C ASN D 205 5.66 22.21 -14.24
N ALA D 206 6.48 21.37 -13.63
CA ALA D 206 7.15 21.74 -12.38
C ALA D 206 8.18 22.84 -12.62
N LEU D 207 8.72 22.88 -13.84
CA LEU D 207 9.77 23.86 -14.19
C LEU D 207 9.12 25.06 -14.84
N ALA D 208 7.84 24.90 -15.17
CA ALA D 208 7.10 25.90 -15.93
C ALA D 208 6.83 27.05 -15.00
N SER D 209 6.92 26.77 -13.72
CA SER D 209 6.61 27.79 -12.76
C SER D 209 6.98 27.48 -11.36
N GLU D 210 6.64 28.40 -10.50
CA GLU D 210 6.75 28.18 -9.11
C GLU D 210 5.47 27.51 -8.59
N ARG D 211 4.35 27.92 -9.16
CA ARG D 211 3.08 27.35 -8.80
C ARG D 211 2.11 28.49 -8.43
#